data_6AXB
#
_entry.id   6AXB
#
_cell.length_a   79.941
_cell.length_b   79.941
_cell.length_c   225.146
_cell.angle_alpha   90.00
_cell.angle_beta   90.00
_cell.angle_gamma   90.00
#
_symmetry.space_group_name_H-M   'P 43 21 2'
#
loop_
_entity.id
_entity.type
_entity.pdbx_description
1 polymer 'Malate synthase G'
2 non-polymer 'MAGNESIUM ION'
3 non-polymer '(2Z)-2-hydroxy-4-(naphthalen-2-yl)-4-oxobut-2-enoic acid'
4 non-polymer DI(HYDROXYETHYL)ETHER
5 water water
#
_entity_poly.entity_id   1
_entity_poly.type   'polypeptide(L)'
_entity_poly.pdbx_seq_one_letter_code
;MTDRVSVGNLRIARVLYDFVNNEALPGTDIDPDSFWAGVDKVVADLTPQNQALLNARDELQAQIDKWHRRRVIEPIDMDA
YRQFLTEIGYLLPEPDDFTITTSGVDAEITTTAGPQLVVPVLNARFALNAANARWGSLYDALYGTDVIPETDGAEKGPTY
NKVRGDKVIAYARKFLDDSVPLSSGSFGDATGFTVQDGQLVVALPDKSTGLANPGQFAGYTGAAESPTSVLLINHGLHIE
ILIDPESQVGTTDRAGVKDVILESAITTIMDFEDSVAAVDAADKVLGYRNWLGLNKGDLAAAVDKDGTAFLRVLNRDRNY
TAPGGGQFTLPGRSLMFVRNVGHLMTNDAIVDTDGSEVFEGIMDALFTGLIAIHGLKASDVNGPLINSRTGSIYIVKPKM
HGPAEVAFTCELFSRVEDVLGLPQNTMKIGIMDEERRTTVNLKACIKAAADRVVFINTGFLDRTGDEIHTSMEAGPMVRK
GTMKSQPWILAYEDHNVDAGLAAGFSGRAQVGKGMWTMTELMADMVETKIAQPRAGASTAWVPSPTAATLHALHYHQVDV
AAVQQGLAGKRRATIEQLLTIPLAKELAWAPDEIREEVDNNCQSILGYVVRWVDQGVGASKVPDIHDVALMEDRATLRIS
SQLLANWLRHGVITSADVRASLERMAPLVDRQNAGDVAYRPMAPNFDDSIAFLAAQELILSGAQQPNGYTEPILHRRRRE
FKARAAEKPAPSDRAGDDAAR
;
_entity_poly.pdbx_strand_id   A
#
loop_
_chem_comp.id
_chem_comp.type
_chem_comp.name
_chem_comp.formula
C0V non-polymer '(2Z)-2-hydroxy-4-(naphthalen-2-yl)-4-oxobut-2-enoic acid' 'C14 H10 O4'
MG non-polymer 'MAGNESIUM ION' 'Mg 2'
PEG non-polymer DI(HYDROXYETHYL)ETHER 'C4 H10 O3'
#
# COMPACT_ATOMS: atom_id res chain seq x y z
N THR A 2 28.19 -13.69 22.90
CA THR A 2 28.14 -12.42 22.18
C THR A 2 26.69 -11.97 21.96
N ASP A 3 26.43 -10.68 22.18
CA ASP A 3 25.22 -9.93 21.80
C ASP A 3 23.93 -10.71 21.52
N ARG A 4 23.80 -11.94 22.05
CA ARG A 4 22.67 -12.80 21.75
C ARG A 4 22.23 -13.57 22.98
N VAL A 5 20.95 -13.92 23.02
CA VAL A 5 20.34 -14.60 24.15
C VAL A 5 19.87 -15.97 23.69
N SER A 6 20.29 -17.01 24.40
CA SER A 6 19.95 -18.38 24.04
C SER A 6 18.59 -18.76 24.63
N VAL A 7 17.70 -19.21 23.74
CA VAL A 7 16.39 -19.71 24.10
C VAL A 7 16.12 -20.93 23.24
N GLY A 8 16.26 -22.11 23.81
CA GLY A 8 16.12 -23.33 23.03
C GLY A 8 17.16 -23.34 21.93
N ASN A 9 16.71 -23.55 20.69
CA ASN A 9 17.62 -23.57 19.55
C ASN A 9 17.90 -22.18 18.97
N LEU A 10 17.39 -21.11 19.58
CA LEU A 10 17.50 -19.77 19.02
C LEU A 10 18.52 -18.93 19.78
N ARG A 11 19.20 -18.07 19.03
CA ARG A 11 20.12 -17.07 19.59
C ARG A 11 19.61 -15.70 19.18
N ILE A 12 18.84 -15.06 20.06
CA ILE A 12 18.13 -13.82 19.77
C ILE A 12 19.06 -12.64 19.96
N ALA A 13 19.07 -11.72 19.01
CA ALA A 13 19.83 -10.49 19.18
C ALA A 13 19.34 -9.76 20.43
N ARG A 14 20.28 -9.25 21.24
CA ARG A 14 19.93 -8.69 22.54
C ARG A 14 18.95 -7.52 22.42
N VAL A 15 19.13 -6.66 21.40
CA VAL A 15 18.29 -5.48 21.28
C VAL A 15 16.83 -5.89 21.05
N LEU A 16 16.61 -6.98 20.31
CA LEU A 16 15.26 -7.51 20.14
C LEU A 16 14.73 -8.17 21.41
N TYR A 17 15.55 -9.02 22.04
CA TYR A 17 15.16 -9.68 23.29
C TYR A 17 14.68 -8.65 24.32
N ASP A 18 15.48 -7.61 24.54
CA ASP A 18 15.12 -6.54 25.47
C ASP A 18 13.86 -5.82 25.03
N PHE A 19 13.73 -5.52 23.74
CA PHE A 19 12.56 -4.79 23.27
C PHE A 19 11.29 -5.56 23.59
N VAL A 20 11.27 -6.86 23.27
CA VAL A 20 10.08 -7.67 23.50
C VAL A 20 9.75 -7.74 24.99
N ASN A 21 10.74 -8.06 25.84
CA ASN A 21 10.46 -8.24 27.27
C ASN A 21 10.07 -6.94 27.94
N ASN A 22 10.76 -5.85 27.64
CA ASN A 22 10.55 -4.61 28.38
C ASN A 22 9.46 -3.74 27.82
N GLU A 23 9.18 -3.82 26.52
CA GLU A 23 8.25 -2.90 25.86
C GLU A 23 7.04 -3.61 25.27
N ALA A 24 7.26 -4.71 24.53
CA ALA A 24 6.16 -5.35 23.82
C ALA A 24 5.31 -6.25 24.73
N LEU A 25 5.95 -7.00 25.61
CA LEU A 25 5.18 -7.96 26.40
C LEU A 25 4.38 -7.34 27.55
N PRO A 26 4.91 -6.35 28.27
CA PRO A 26 4.15 -5.83 29.44
C PRO A 26 2.82 -5.24 29.03
N GLY A 27 1.76 -5.73 29.66
CA GLY A 27 0.41 -5.28 29.37
C GLY A 27 -0.42 -6.29 28.63
N THR A 28 0.19 -7.36 28.13
CA THR A 28 -0.51 -8.37 27.33
C THR A 28 -0.91 -9.59 28.13
N ASP A 29 -0.47 -9.70 29.39
CA ASP A 29 -0.67 -10.88 30.23
C ASP A 29 -0.02 -12.14 29.66
N ILE A 30 0.89 -12.02 28.69
CA ILE A 30 1.62 -13.18 28.19
C ILE A 30 2.88 -13.34 29.01
N ASP A 31 3.13 -14.56 29.44
CA ASP A 31 4.29 -14.85 30.27
C ASP A 31 5.55 -14.81 29.42
N PRO A 32 6.54 -14.01 29.78
CA PRO A 32 7.75 -13.94 28.94
C PRO A 32 8.37 -15.29 28.61
N ASP A 33 8.45 -16.22 29.56
CA ASP A 33 9.06 -17.50 29.25
C ASP A 33 8.18 -18.32 28.31
N SER A 34 6.87 -18.25 28.49
CA SER A 34 5.99 -18.98 27.57
C SER A 34 6.06 -18.37 26.17
N PHE A 35 6.18 -17.03 26.07
CA PHE A 35 6.28 -16.43 24.75
C PHE A 35 7.51 -16.94 24.02
N TRP A 36 8.68 -16.83 24.64
CA TRP A 36 9.92 -17.20 23.95
C TRP A 36 9.96 -18.69 23.65
N ALA A 37 9.38 -19.53 24.52
CA ALA A 37 9.23 -20.95 24.19
C ALA A 37 8.35 -21.12 22.97
N GLY A 38 7.29 -20.31 22.84
CA GLY A 38 6.46 -20.34 21.65
C GLY A 38 7.23 -19.99 20.39
N VAL A 39 8.03 -18.92 20.44
CA VAL A 39 8.88 -18.54 19.31
C VAL A 39 9.75 -19.71 18.87
N ASP A 40 10.53 -20.27 19.81
CA ASP A 40 11.42 -21.38 19.49
C ASP A 40 10.66 -22.52 18.83
N LYS A 41 9.52 -22.90 19.40
CA LYS A 41 8.72 -24.00 18.90
C LYS A 41 8.12 -23.71 17.52
N VAL A 42 7.48 -22.54 17.37
CA VAL A 42 6.91 -22.19 16.06
C VAL A 42 7.99 -22.17 14.99
N VAL A 43 9.14 -21.54 15.29
CA VAL A 43 10.22 -21.47 14.31
C VAL A 43 10.70 -22.88 13.96
N ALA A 44 10.85 -23.76 14.95
CA ALA A 44 11.33 -25.11 14.64
C ALA A 44 10.32 -25.88 13.81
N ASP A 45 9.02 -25.74 14.13
CA ASP A 45 7.99 -26.54 13.46
C ASP A 45 7.69 -26.04 12.05
N LEU A 46 7.80 -24.73 11.79
CA LEU A 46 7.30 -24.19 10.53
C LEU A 46 8.38 -23.88 9.52
N THR A 47 9.64 -23.78 9.96
CA THR A 47 10.74 -23.48 9.03
C THR A 47 10.89 -24.52 7.92
N PRO A 48 10.71 -25.83 8.16
CA PRO A 48 10.81 -26.78 7.03
C PRO A 48 9.81 -26.52 5.91
N GLN A 49 8.53 -26.32 6.21
CA GLN A 49 7.56 -26.04 5.16
CA GLN A 49 7.57 -26.05 5.14
C GLN A 49 7.86 -24.72 4.47
N ASN A 50 8.32 -23.73 5.22
CA ASN A 50 8.71 -22.46 4.64
C ASN A 50 9.82 -22.66 3.61
N GLN A 51 10.82 -23.46 3.95
CA GLN A 51 11.91 -23.71 3.00
C GLN A 51 11.44 -24.55 1.82
N ALA A 52 10.54 -25.51 2.03
CA ALA A 52 10.08 -26.33 0.93
C ALA A 52 9.28 -25.49 -0.06
N LEU A 53 8.46 -24.58 0.45
CA LEU A 53 7.72 -23.67 -0.41
C LEU A 53 8.67 -22.86 -1.28
N LEU A 54 9.71 -22.28 -0.69
CA LEU A 54 10.68 -21.53 -1.50
C LEU A 54 11.35 -22.43 -2.54
N ASN A 55 11.68 -23.67 -2.16
CA ASN A 55 12.28 -24.59 -3.14
C ASN A 55 11.29 -24.90 -4.26
N ALA A 56 10.01 -25.02 -3.94
CA ALA A 56 9.02 -25.30 -4.98
C ALA A 56 8.97 -24.17 -6.00
N ARG A 57 9.11 -22.93 -5.54
CA ARG A 57 9.18 -21.81 -6.48
C ARG A 57 10.33 -22.02 -7.46
N ASP A 58 11.51 -22.38 -6.95
CA ASP A 58 12.67 -22.57 -7.82
C ASP A 58 12.48 -23.73 -8.78
N GLU A 59 11.93 -24.86 -8.29
CA GLU A 59 11.65 -26.00 -9.15
C GLU A 59 10.76 -25.59 -10.32
N LEU A 60 9.65 -24.92 -10.01
CA LEU A 60 8.71 -24.49 -11.04
C LEU A 60 9.38 -23.53 -12.02
N GLN A 61 10.09 -22.52 -11.50
CA GLN A 61 10.71 -21.56 -12.41
C GLN A 61 11.70 -22.23 -13.34
N ALA A 62 12.48 -23.19 -12.80
CA ALA A 62 13.46 -23.89 -13.63
C ALA A 62 12.78 -24.66 -14.76
N GLN A 63 11.63 -25.28 -14.48
CA GLN A 63 10.90 -25.99 -15.52
C GLN A 63 10.39 -25.05 -16.59
N ILE A 64 9.89 -23.88 -16.19
CA ILE A 64 9.37 -22.91 -17.15
C ILE A 64 10.51 -22.34 -17.99
N ASP A 65 11.62 -21.96 -17.35
CA ASP A 65 12.82 -21.53 -18.07
C ASP A 65 13.18 -22.50 -19.18
N LYS A 66 13.25 -23.80 -18.86
CA LYS A 66 13.70 -24.78 -19.83
C LYS A 66 12.67 -25.00 -20.92
N TRP A 67 11.39 -25.08 -20.55
CA TRP A 67 10.31 -25.15 -21.52
C TRP A 67 10.45 -24.07 -22.59
N HIS A 68 10.65 -22.82 -22.18
CA HIS A 68 10.78 -21.73 -23.16
C HIS A 68 12.03 -21.92 -24.02
N ARG A 69 13.14 -22.35 -23.42
CA ARG A 69 14.37 -22.55 -24.20
C ARG A 69 14.20 -23.66 -25.23
N ARG A 70 13.30 -24.61 -25.00
CA ARG A 70 13.10 -25.72 -25.91
C ARG A 70 11.98 -25.48 -26.91
N ARG A 71 11.38 -24.29 -26.91
CA ARG A 71 10.32 -23.99 -27.86
C ARG A 71 10.91 -23.68 -29.23
N VAL A 72 10.43 -24.37 -30.25
CA VAL A 72 10.82 -24.09 -31.61
C VAL A 72 9.80 -23.21 -32.31
N ILE A 73 8.52 -23.51 -32.12
CA ILE A 73 7.44 -22.96 -32.95
C ILE A 73 7.16 -21.51 -32.56
N GLU A 74 7.32 -20.59 -33.54
CA GLU A 74 6.86 -19.20 -33.71
C GLU A 74 6.24 -18.56 -32.46
N PRO A 75 5.17 -17.76 -32.55
CA PRO A 75 4.35 -17.50 -31.36
C PRO A 75 4.03 -18.75 -30.56
N ILE A 76 3.99 -18.56 -29.23
CA ILE A 76 3.83 -19.66 -28.29
C ILE A 76 2.48 -20.34 -28.49
N ASP A 77 2.50 -21.68 -28.52
CA ASP A 77 1.28 -22.48 -28.48
C ASP A 77 0.69 -22.39 -27.08
N MET A 78 -0.37 -21.59 -26.93
CA MET A 78 -0.95 -21.34 -25.63
C MET A 78 -1.61 -22.60 -25.04
N ASP A 79 -2.27 -23.40 -25.88
CA ASP A 79 -2.86 -24.65 -25.37
C ASP A 79 -1.79 -25.56 -24.78
N ALA A 80 -0.63 -25.65 -25.45
CA ALA A 80 0.48 -26.45 -24.93
C ALA A 80 1.04 -25.85 -23.67
N TYR A 81 1.31 -24.54 -23.70
CA TYR A 81 1.79 -23.82 -22.52
C TYR A 81 0.85 -24.01 -21.32
N ARG A 82 -0.45 -23.95 -21.57
CA ARG A 82 -1.43 -24.06 -20.49
CA ARG A 82 -1.46 -24.05 -20.51
C ARG A 82 -1.46 -25.45 -19.90
N GLN A 83 -1.42 -26.49 -20.74
CA GLN A 83 -1.38 -27.86 -20.24
CA GLN A 83 -1.41 -27.83 -20.17
C GLN A 83 -0.05 -28.17 -19.55
N PHE A 84 1.02 -27.51 -19.98
CA PHE A 84 2.31 -27.70 -19.31
C PHE A 84 2.27 -27.12 -17.91
N LEU A 85 1.74 -25.90 -17.77
CA LEU A 85 1.56 -25.29 -16.45
C LEU A 85 0.67 -26.15 -15.55
N THR A 86 -0.29 -26.87 -16.14
CA THR A 86 -1.15 -27.75 -15.36
C THR A 86 -0.41 -29.03 -14.97
N GLU A 87 0.39 -29.56 -15.89
CA GLU A 87 1.14 -30.79 -15.61
C GLU A 87 2.08 -30.60 -14.42
N ILE A 88 2.78 -29.46 -14.38
CA ILE A 88 3.82 -29.29 -13.37
C ILE A 88 3.27 -28.79 -12.05
N GLY A 89 1.96 -28.59 -11.94
CA GLY A 89 1.37 -28.11 -10.70
C GLY A 89 1.39 -26.60 -10.51
N TYR A 90 1.70 -25.85 -11.57
CA TYR A 90 1.67 -24.40 -11.49
C TYR A 90 0.23 -23.90 -11.55
N LEU A 91 -0.50 -24.34 -12.55
CA LEU A 91 -1.93 -24.06 -12.68
C LEU A 91 -2.70 -25.19 -12.00
N LEU A 92 -3.44 -24.86 -10.96
CA LEU A 92 -4.13 -25.87 -10.18
C LEU A 92 -5.62 -25.84 -10.48
N PRO A 93 -6.36 -26.90 -10.13
CA PRO A 93 -7.80 -26.91 -10.38
C PRO A 93 -8.51 -25.81 -9.60
N GLU A 94 -9.50 -25.23 -10.22
CA GLU A 94 -10.28 -24.19 -9.57
C GLU A 94 -11.34 -24.81 -8.68
N PRO A 95 -11.43 -24.41 -7.41
CA PRO A 95 -12.39 -25.03 -6.50
C PRO A 95 -13.83 -24.61 -6.80
N ASP A 96 -14.76 -25.31 -6.17
CA ASP A 96 -16.18 -24.98 -6.31
C ASP A 96 -16.49 -23.64 -5.64
N ASP A 97 -17.54 -22.99 -6.13
CA ASP A 97 -17.92 -21.68 -5.59
C ASP A 97 -18.08 -21.76 -4.08
N PHE A 98 -17.70 -20.69 -3.39
CA PHE A 98 -17.79 -20.63 -1.94
C PHE A 98 -17.96 -19.18 -1.53
N THR A 99 -18.40 -18.97 -0.29
CA THR A 99 -18.50 -17.63 0.31
C THR A 99 -17.57 -17.59 1.52
N ILE A 100 -16.87 -16.46 1.71
CA ILE A 100 -15.97 -16.35 2.85
C ILE A 100 -16.77 -16.23 4.14
N THR A 101 -16.15 -16.65 5.24
CA THR A 101 -16.81 -16.68 6.53
C THR A 101 -16.15 -15.77 7.58
N THR A 102 -15.08 -15.06 7.22
CA THR A 102 -14.39 -14.13 8.11
C THR A 102 -15.38 -13.28 8.91
N SER A 103 -15.27 -13.35 10.24
CA SER A 103 -16.17 -12.63 11.13
C SER A 103 -15.38 -11.75 12.09
N GLY A 104 -16.09 -10.90 12.81
CA GLY A 104 -15.46 -10.00 13.75
C GLY A 104 -14.62 -8.92 13.11
N VAL A 105 -14.96 -8.50 11.89
CA VAL A 105 -14.20 -7.52 11.12
C VAL A 105 -14.86 -6.15 11.23
N ASP A 106 -14.04 -5.11 11.31
CA ASP A 106 -14.56 -3.76 11.51
C ASP A 106 -15.24 -3.22 10.25
N ALA A 107 -16.15 -2.26 10.45
CA ALA A 107 -16.95 -1.71 9.37
C ALA A 107 -16.09 -0.98 8.34
N GLU A 108 -14.98 -0.39 8.78
CA GLU A 108 -14.06 0.25 7.84
C GLU A 108 -13.61 -0.69 6.75
N ILE A 109 -13.70 -2.00 6.98
CA ILE A 109 -13.20 -2.99 6.04
C ILE A 109 -14.35 -3.73 5.36
N THR A 110 -15.37 -4.12 6.12
CA THR A 110 -16.47 -4.87 5.53
C THR A 110 -17.34 -4.01 4.63
N THR A 111 -17.50 -2.72 4.98
CA THR A 111 -18.59 -1.92 4.42
C THR A 111 -18.11 -0.63 3.78
N THR A 112 -17.24 0.11 4.44
CA THR A 112 -16.88 1.44 3.98
C THR A 112 -15.95 1.34 2.78
N ALA A 113 -16.35 1.91 1.66
CA ALA A 113 -15.45 2.09 0.54
C ALA A 113 -14.75 3.43 0.68
N GLY A 114 -13.44 3.43 0.48
CA GLY A 114 -12.67 4.66 0.55
C GLY A 114 -11.17 4.41 0.51
N PRO A 115 -10.37 5.47 0.54
CA PRO A 115 -8.92 5.32 0.34
C PRO A 115 -8.22 4.51 1.43
N GLN A 116 -7.13 3.87 1.04
CA GLN A 116 -6.28 3.08 1.93
C GLN A 116 -4.85 3.58 1.76
N LEU A 117 -4.26 4.04 2.85
CA LEU A 117 -2.96 4.67 2.83
C LEU A 117 -1.90 3.67 3.25
N VAL A 118 -0.75 3.68 2.56
CA VAL A 118 0.42 2.89 2.93
C VAL A 118 1.55 3.84 3.31
N VAL A 119 2.21 3.54 4.45
CA VAL A 119 3.23 4.41 5.04
C VAL A 119 4.39 3.56 5.59
N PRO A 120 5.65 3.99 5.45
CA PRO A 120 6.76 3.24 6.01
C PRO A 120 6.75 3.33 7.54
N VAL A 121 6.62 2.16 8.20
CA VAL A 121 6.49 2.12 9.66
C VAL A 121 7.73 2.64 10.37
N LEU A 122 8.89 2.62 9.72
CA LEU A 122 10.10 3.12 10.35
C LEU A 122 10.12 4.63 10.51
N ASN A 123 9.25 5.35 9.80
CA ASN A 123 9.18 6.81 9.89
C ASN A 123 8.06 7.19 10.85
N ALA A 124 8.42 7.53 12.08
CA ALA A 124 7.40 7.77 13.10
C ALA A 124 6.52 8.97 12.77
N ARG A 125 7.12 10.06 12.28
CA ARG A 125 6.33 11.23 11.93
C ARG A 125 5.31 10.90 10.83
N PHE A 126 5.75 10.17 9.79
CA PHE A 126 4.81 9.81 8.73
C PHE A 126 3.74 8.87 9.24
N ALA A 127 4.12 7.86 10.00
CA ALA A 127 3.12 6.93 10.53
C ALA A 127 2.08 7.66 11.37
N LEU A 128 2.52 8.62 12.19
CA LEU A 128 1.58 9.42 12.96
C LEU A 128 0.63 10.18 12.05
N ASN A 129 1.17 10.93 11.09
CA ASN A 129 0.34 11.65 10.12
C ASN A 129 -0.59 10.69 9.39
N ALA A 130 -0.12 9.48 9.06
CA ALA A 130 -0.97 8.53 8.36
C ALA A 130 -2.12 8.06 9.25
N ALA A 131 -1.86 7.76 10.52
CA ALA A 131 -2.94 7.32 11.41
C ALA A 131 -3.99 8.42 11.59
N ASN A 132 -3.57 9.67 11.59
CA ASN A 132 -4.43 10.83 11.72
C ASN A 132 -5.11 11.23 10.42
N ALA A 133 -4.86 10.52 9.31
CA ALA A 133 -5.36 10.91 8.00
C ALA A 133 -6.80 10.48 7.76
N ARG A 134 -7.46 9.86 8.74
CA ARG A 134 -8.88 9.53 8.63
C ARG A 134 -9.71 10.75 8.26
N TRP A 135 -9.32 11.92 8.75
CA TRP A 135 -9.94 13.19 8.44
C TRP A 135 -8.87 14.12 7.88
N GLY A 136 -9.19 14.88 6.84
CA GLY A 136 -8.24 15.80 6.27
C GLY A 136 -8.95 16.95 5.58
N SER A 137 -8.23 18.06 5.44
CA SER A 137 -8.80 19.29 4.90
C SER A 137 -8.82 19.24 3.38
N LEU A 138 -10.02 19.29 2.79
CA LEU A 138 -10.10 19.41 1.34
C LEU A 138 -9.47 20.71 0.86
N TYR A 139 -9.62 21.79 1.64
CA TYR A 139 -9.07 23.08 1.21
C TYR A 139 -7.55 23.00 1.09
N ASP A 140 -6.90 22.44 2.11
CA ASP A 140 -5.45 22.31 2.06
C ASP A 140 -5.01 21.41 0.91
N ALA A 141 -5.72 20.29 0.70
CA ALA A 141 -5.37 19.40 -0.39
C ALA A 141 -5.51 20.08 -1.75
N LEU A 142 -6.52 20.94 -1.90
CA LEU A 142 -6.70 21.68 -3.16
C LEU A 142 -5.71 22.83 -3.29
N TYR A 143 -5.53 23.63 -2.23
CA TYR A 143 -4.63 24.76 -2.30
C TYR A 143 -3.18 24.30 -2.49
N GLY A 144 -2.78 23.24 -1.79
CA GLY A 144 -1.38 22.84 -1.77
C GLY A 144 -0.90 22.20 -3.06
N THR A 145 -1.79 21.64 -3.87
CA THR A 145 -1.38 20.82 -5.00
C THR A 145 -1.76 21.51 -6.31
N ASP A 146 -1.63 20.76 -7.41
CA ASP A 146 -1.94 21.28 -8.73
C ASP A 146 -3.34 20.91 -9.19
N VAL A 147 -4.21 20.42 -8.30
CA VAL A 147 -5.60 20.22 -8.70
C VAL A 147 -6.23 21.55 -9.09
N ILE A 148 -5.90 22.62 -8.35
CA ILE A 148 -6.22 23.98 -8.74
C ILE A 148 -5.05 24.50 -9.57
N PRO A 149 -5.20 24.75 -10.86
CA PRO A 149 -4.08 25.25 -11.65
C PRO A 149 -3.54 26.56 -11.09
N GLU A 150 -2.22 26.72 -11.19
CA GLU A 150 -1.58 27.99 -10.85
C GLU A 150 -1.60 28.98 -12.01
N THR A 151 -2.65 28.99 -12.81
CA THR A 151 -2.66 29.81 -14.01
C THR A 151 -2.90 31.27 -13.68
N ASP A 152 -4.14 31.71 -13.88
CA ASP A 152 -4.51 33.11 -14.01
C ASP A 152 -4.46 33.80 -12.66
N GLY A 153 -3.24 34.17 -12.25
CA GLY A 153 -3.06 34.87 -10.99
C GLY A 153 -3.33 33.99 -9.79
N ALA A 154 -3.48 32.69 -10.03
CA ALA A 154 -3.75 31.73 -8.97
C ALA A 154 -2.49 31.01 -8.50
N GLU A 155 -1.32 31.62 -8.71
CA GLU A 155 -0.06 31.01 -8.34
C GLU A 155 0.13 31.00 -6.82
N LYS A 156 0.81 29.96 -6.34
CA LYS A 156 1.19 29.91 -4.94
CA LYS A 156 1.18 29.92 -4.94
C LYS A 156 2.34 30.88 -4.67
N GLY A 157 2.39 31.39 -3.45
CA GLY A 157 3.46 32.26 -3.02
C GLY A 157 3.76 32.05 -1.56
N PRO A 158 4.63 32.88 -0.99
CA PRO A 158 4.85 32.82 0.46
C PRO A 158 3.59 33.09 1.25
N THR A 159 2.73 33.97 0.74
CA THR A 159 1.54 34.41 1.43
C THR A 159 0.28 33.97 0.69
N TYR A 160 -0.81 33.83 1.46
CA TYR A 160 -2.07 33.35 0.94
C TYR A 160 -2.55 34.20 -0.24
N ASN A 161 -3.01 33.52 -1.31
CA ASN A 161 -3.45 34.14 -2.54
C ASN A 161 -4.96 34.01 -2.60
N LYS A 162 -5.66 35.14 -2.49
CA LYS A 162 -7.12 35.11 -2.44
C LYS A 162 -7.71 34.64 -3.76
N VAL A 163 -7.07 34.93 -4.89
CA VAL A 163 -7.54 34.40 -6.17
C VAL A 163 -7.53 32.88 -6.13
N ARG A 164 -6.43 32.30 -5.63
CA ARG A 164 -6.34 30.85 -5.54
C ARG A 164 -7.30 30.31 -4.48
N GLY A 165 -7.37 30.96 -3.32
CA GLY A 165 -8.29 30.51 -2.29
C GLY A 165 -9.73 30.48 -2.76
N ASP A 166 -10.12 31.45 -3.60
CA ASP A 166 -11.48 31.50 -4.12
C ASP A 166 -11.77 30.32 -5.06
N LYS A 167 -10.80 29.94 -5.89
CA LYS A 167 -10.97 28.76 -6.72
C LYS A 167 -11.09 27.49 -5.86
N VAL A 168 -10.30 27.43 -4.79
CA VAL A 168 -10.42 26.31 -3.86
C VAL A 168 -11.85 26.24 -3.33
N ILE A 169 -12.37 27.37 -2.85
CA ILE A 169 -13.72 27.42 -2.27
C ILE A 169 -14.75 27.01 -3.30
N ALA A 170 -14.62 27.51 -4.53
CA ALA A 170 -15.55 27.17 -5.60
C ALA A 170 -15.51 25.68 -5.93
N TYR A 171 -14.30 25.12 -6.02
CA TYR A 171 -14.17 23.69 -6.26
C TYR A 171 -14.92 22.89 -5.19
N ALA A 172 -14.71 23.25 -3.91
CA ALA A 172 -15.37 22.53 -2.81
C ALA A 172 -16.88 22.70 -2.84
N ARG A 173 -17.37 23.90 -3.17
CA ARG A 173 -18.82 24.10 -3.26
C ARG A 173 -19.44 23.21 -4.33
N LYS A 174 -18.76 23.04 -5.46
CA LYS A 174 -19.27 22.16 -6.51
C LYS A 174 -19.30 20.71 -6.04
N PHE A 175 -18.26 20.29 -5.30
CA PHE A 175 -18.24 18.95 -4.70
C PHE A 175 -19.46 18.74 -3.81
N LEU A 176 -19.80 19.73 -2.99
CA LEU A 176 -21.00 19.63 -2.16
C LEU A 176 -22.25 19.48 -3.02
N ASP A 177 -22.37 20.28 -4.07
CA ASP A 177 -23.51 20.14 -4.96
C ASP A 177 -23.57 18.74 -5.57
N ASP A 178 -22.40 18.18 -5.90
CA ASP A 178 -22.38 16.88 -6.57
C ASP A 178 -22.68 15.75 -5.59
N SER A 179 -22.34 15.92 -4.31
CA SER A 179 -22.39 14.83 -3.34
C SER A 179 -23.61 14.86 -2.44
N VAL A 180 -24.03 16.03 -1.98
CA VAL A 180 -25.14 16.18 -1.05
C VAL A 180 -26.09 17.24 -1.59
N PRO A 181 -26.76 16.98 -2.72
CA PRO A 181 -27.49 18.05 -3.41
C PRO A 181 -28.53 18.72 -2.54
N LEU A 182 -28.68 20.03 -2.71
CA LEU A 182 -29.82 20.74 -2.12
C LEU A 182 -31.09 20.41 -2.88
N SER A 183 -32.24 20.57 -2.19
CA SER A 183 -33.53 20.38 -2.85
C SER A 183 -33.66 21.29 -4.06
N SER A 184 -33.27 22.55 -3.92
CA SER A 184 -33.07 23.42 -5.07
C SER A 184 -32.02 24.46 -4.69
N GLY A 185 -31.32 24.98 -5.70
CA GLY A 185 -30.23 25.90 -5.46
C GLY A 185 -28.89 25.20 -5.32
N SER A 186 -27.87 26.01 -5.10
CA SER A 186 -26.49 25.55 -5.06
C SER A 186 -25.84 25.95 -3.75
N PHE A 187 -24.99 25.07 -3.23
CA PHE A 187 -24.17 25.41 -2.06
C PHE A 187 -23.33 26.65 -2.31
N GLY A 188 -23.03 26.98 -3.56
CA GLY A 188 -22.22 28.16 -3.82
C GLY A 188 -22.93 29.43 -3.41
N ASP A 189 -24.26 29.40 -3.35
CA ASP A 189 -25.06 30.57 -3.05
C ASP A 189 -25.57 30.56 -1.62
N ALA A 190 -25.12 29.61 -0.81
CA ALA A 190 -25.53 29.53 0.58
C ALA A 190 -25.04 30.73 1.36
N THR A 191 -25.88 31.20 2.30
CA THR A 191 -25.52 32.24 3.24
C THR A 191 -25.52 31.80 4.70
N GLY A 192 -26.01 30.60 5.00
CA GLY A 192 -26.00 30.11 6.38
C GLY A 192 -26.58 28.72 6.45
N PHE A 193 -26.36 28.07 7.60
CA PHE A 193 -26.86 26.73 7.88
C PHE A 193 -27.51 26.70 9.25
N THR A 194 -28.65 26.01 9.36
CA THR A 194 -29.35 25.84 10.62
CA THR A 194 -29.38 25.85 10.61
C THR A 194 -29.98 24.44 10.66
N VAL A 195 -30.33 24.00 11.87
CA VAL A 195 -31.07 22.77 12.09
C VAL A 195 -32.42 23.14 12.70
N GLN A 196 -33.49 22.69 12.07
CA GLN A 196 -34.85 22.95 12.55
C GLN A 196 -35.62 21.65 12.51
N ASP A 197 -36.11 21.21 13.67
CA ASP A 197 -36.81 19.93 13.80
C ASP A 197 -35.96 18.78 13.24
N GLY A 198 -34.71 18.71 13.70
CA GLY A 198 -33.81 17.65 13.26
C GLY A 198 -33.56 17.63 11.78
N GLN A 199 -33.60 18.79 11.13
CA GLN A 199 -33.50 18.85 9.68
C GLN A 199 -32.58 20.00 9.32
N LEU A 200 -31.70 19.77 8.35
CA LEU A 200 -30.75 20.79 7.94
C LEU A 200 -31.43 21.76 6.98
N VAL A 201 -31.33 23.05 7.26
CA VAL A 201 -31.91 24.10 6.42
C VAL A 201 -30.79 25.01 5.93
N VAL A 202 -30.65 25.11 4.61
CA VAL A 202 -29.61 25.92 3.97
C VAL A 202 -30.24 27.23 3.49
N ALA A 203 -29.69 28.35 3.97
CA ALA A 203 -30.16 29.68 3.59
C ALA A 203 -29.57 30.09 2.24
N LEU A 204 -30.43 30.40 1.29
CA LEU A 204 -30.08 31.04 0.04
C LEU A 204 -30.50 32.51 0.09
N PRO A 205 -30.07 33.33 -0.87
CA PRO A 205 -30.45 34.76 -0.79
C PRO A 205 -31.95 34.99 -0.90
N ASP A 206 -32.66 34.19 -1.70
CA ASP A 206 -34.08 34.38 -1.95
C ASP A 206 -34.99 33.48 -1.13
N LYS A 207 -34.51 32.31 -0.72
CA LYS A 207 -35.35 31.33 -0.03
C LYS A 207 -34.46 30.48 0.87
N SER A 208 -35.06 29.44 1.45
CA SER A 208 -34.32 28.39 2.16
C SER A 208 -34.65 27.06 1.52
N THR A 209 -33.84 26.05 1.83
CA THR A 209 -33.97 24.74 1.22
C THR A 209 -33.36 23.71 2.15
N GLY A 210 -33.77 22.46 1.98
CA GLY A 210 -33.17 21.35 2.70
C GLY A 210 -32.46 20.45 1.72
N LEU A 211 -32.06 19.26 2.15
CA LEU A 211 -31.36 18.35 1.28
C LEU A 211 -32.33 17.61 0.38
N ALA A 212 -31.89 17.29 -0.84
CA ALA A 212 -32.71 16.48 -1.73
C ALA A 212 -32.95 15.11 -1.12
N ASN A 213 -31.93 14.57 -0.46
CA ASN A 213 -32.05 13.39 0.40
C ASN A 213 -31.69 13.79 1.83
N PRO A 214 -32.68 14.13 2.68
CA PRO A 214 -32.36 14.55 4.06
C PRO A 214 -31.65 13.50 4.87
N GLY A 215 -31.62 12.24 4.41
CA GLY A 215 -30.89 11.21 5.13
C GLY A 215 -29.40 11.47 5.17
N GLN A 216 -28.88 12.27 4.23
CA GLN A 216 -27.45 12.58 4.20
C GLN A 216 -27.03 13.50 5.32
N PHE A 217 -27.97 14.10 6.05
CA PHE A 217 -27.62 14.93 7.20
C PHE A 217 -27.32 14.02 8.37
N ALA A 218 -26.08 14.10 8.89
CA ALA A 218 -25.61 13.17 9.90
C ALA A 218 -25.39 13.80 11.26
N GLY A 219 -25.22 15.11 11.32
CA GLY A 219 -25.07 15.76 12.60
C GLY A 219 -24.46 17.13 12.44
N TYR A 220 -24.02 17.67 13.58
CA TYR A 220 -23.55 19.05 13.62
C TYR A 220 -22.83 19.23 14.93
N THR A 221 -22.16 20.38 15.07
CA THR A 221 -21.60 20.83 16.34
C THR A 221 -22.10 22.24 16.64
N GLY A 222 -22.00 22.63 17.91
CA GLY A 222 -22.55 23.91 18.38
C GLY A 222 -24.07 23.93 18.44
N ALA A 223 -24.61 25.14 18.53
CA ALA A 223 -26.05 25.31 18.65
C ALA A 223 -26.76 24.98 17.35
N ALA A 224 -27.87 24.25 17.47
CA ALA A 224 -28.65 23.86 16.29
C ALA A 224 -29.10 25.05 15.46
N GLU A 225 -29.22 26.23 16.08
CA GLU A 225 -29.69 27.42 15.41
C GLU A 225 -28.57 28.17 14.70
N SER A 226 -27.33 28.02 15.16
CA SER A 226 -26.16 28.60 14.49
CA SER A 226 -26.16 28.60 14.49
C SER A 226 -24.98 27.65 14.68
N PRO A 227 -24.97 26.55 13.93
CA PRO A 227 -23.96 25.50 14.17
C PRO A 227 -22.55 25.96 13.84
N THR A 228 -21.60 25.40 14.58
CA THR A 228 -20.19 25.59 14.26
C THR A 228 -19.70 24.62 13.18
N SER A 229 -20.46 23.56 12.89
CA SER A 229 -20.13 22.70 11.75
C SER A 229 -21.35 21.85 11.42
N VAL A 230 -21.40 21.42 10.16
CA VAL A 230 -22.47 20.59 9.64
C VAL A 230 -21.82 19.32 9.10
N LEU A 231 -22.34 18.17 9.51
CA LEU A 231 -21.74 16.89 9.19
C LEU A 231 -22.68 16.16 8.24
N LEU A 232 -22.17 15.84 7.05
CA LEU A 232 -22.93 15.10 6.07
C LEU A 232 -22.30 13.73 5.84
N ILE A 233 -23.07 12.85 5.21
CA ILE A 233 -22.58 11.54 4.85
C ILE A 233 -23.05 11.23 3.45
N ASN A 234 -22.18 10.63 2.66
CA ASN A 234 -22.53 10.20 1.32
C ASN A 234 -21.73 8.95 1.02
N HIS A 235 -22.42 7.91 0.54
CA HIS A 235 -21.80 6.64 0.23
C HIS A 235 -21.01 6.11 1.43
N GLY A 236 -21.47 6.42 2.63
CA GLY A 236 -20.83 5.97 3.85
C GLY A 236 -19.65 6.79 4.32
N LEU A 237 -19.28 7.84 3.59
CA LEU A 237 -18.13 8.69 3.92
C LEU A 237 -18.60 10.04 4.42
N HIS A 238 -17.97 10.54 5.47
CA HIS A 238 -18.43 11.77 6.09
C HIS A 238 -17.78 13.01 5.50
N ILE A 239 -18.55 14.09 5.49
CA ILE A 239 -18.16 15.40 5.00
C ILE A 239 -18.52 16.40 6.09
N GLU A 240 -17.55 17.21 6.49
CA GLU A 240 -17.80 18.20 7.52
C GLU A 240 -17.53 19.61 7.01
N ILE A 241 -18.58 20.44 6.99
CA ILE A 241 -18.47 21.85 6.66
C ILE A 241 -18.20 22.60 7.96
N LEU A 242 -17.04 23.24 8.06
CA LEU A 242 -16.67 24.02 9.23
C LEU A 242 -17.16 25.45 9.02
N ILE A 243 -18.05 25.91 9.90
CA ILE A 243 -18.63 27.25 9.82
C ILE A 243 -17.97 28.10 10.89
N ASP A 244 -17.16 29.07 10.46
CA ASP A 244 -16.46 29.97 11.38
C ASP A 244 -16.29 31.33 10.69
N PRO A 245 -17.28 32.22 10.81
CA PRO A 245 -17.17 33.53 10.15
C PRO A 245 -16.01 34.37 10.64
N GLU A 246 -15.48 34.08 11.83
CA GLU A 246 -14.39 34.88 12.39
CA GLU A 246 -14.39 34.88 12.38
C GLU A 246 -13.04 34.53 11.80
N SER A 247 -12.91 33.37 11.16
CA SER A 247 -11.63 32.99 10.58
C SER A 247 -11.33 33.81 9.34
N GLN A 248 -10.07 33.78 8.93
CA GLN A 248 -9.64 34.55 7.77
C GLN A 248 -10.40 34.13 6.52
N VAL A 249 -10.33 32.84 6.18
CA VAL A 249 -11.04 32.34 5.02
C VAL A 249 -12.53 32.57 5.17
N GLY A 250 -13.07 32.31 6.36
CA GLY A 250 -14.50 32.43 6.57
C GLY A 250 -15.02 33.85 6.51
N THR A 251 -14.18 34.82 6.85
CA THR A 251 -14.57 36.22 6.75
C THR A 251 -14.93 36.59 5.32
N THR A 252 -14.19 36.07 4.36
CA THR A 252 -14.47 36.28 2.94
C THR A 252 -15.55 35.35 2.39
N ASP A 253 -15.94 34.29 3.10
CA ASP A 253 -16.86 33.33 2.53
C ASP A 253 -18.31 33.81 2.66
N ARG A 254 -19.11 33.51 1.62
CA ARG A 254 -20.50 33.96 1.57
C ARG A 254 -21.36 33.37 2.69
N ALA A 255 -20.97 32.22 3.25
CA ALA A 255 -21.71 31.64 4.36
C ALA A 255 -20.81 31.43 5.57
N GLY A 256 -19.67 32.11 5.62
CA GLY A 256 -18.74 31.98 6.72
C GLY A 256 -17.98 30.68 6.78
N VAL A 257 -18.05 29.84 5.73
CA VAL A 257 -17.39 28.53 5.78
C VAL A 257 -15.87 28.72 5.81
N LYS A 258 -15.22 28.04 6.75
CA LYS A 258 -13.78 28.09 6.89
C LYS A 258 -13.06 26.95 6.15
N ASP A 259 -13.69 25.80 6.05
CA ASP A 259 -13.02 24.61 5.51
C ASP A 259 -14.08 23.57 5.26
N VAL A 260 -13.74 22.61 4.40
CA VAL A 260 -14.51 21.39 4.21
C VAL A 260 -13.58 20.23 4.52
N ILE A 261 -13.98 19.39 5.48
CA ILE A 261 -13.17 18.28 5.99
C ILE A 261 -13.74 16.98 5.45
N LEU A 262 -12.89 16.14 4.88
CA LEU A 262 -13.31 14.87 4.31
C LEU A 262 -12.80 13.71 5.16
N GLU A 263 -13.67 12.75 5.44
CA GLU A 263 -13.20 11.43 5.84
C GLU A 263 -12.40 10.85 4.68
N SER A 264 -11.11 10.53 4.92
CA SER A 264 -10.15 10.29 3.85
C SER A 264 -9.56 8.89 3.92
N ALA A 265 -8.47 8.71 4.69
CA ALA A 265 -7.84 7.40 4.79
C ALA A 265 -8.64 6.59 5.79
N ILE A 266 -9.56 5.77 5.29
CA ILE A 266 -10.40 4.99 6.20
C ILE A 266 -9.54 3.95 6.92
N THR A 267 -8.59 3.36 6.19
CA THR A 267 -7.66 2.41 6.75
C THR A 267 -6.26 2.80 6.29
N THR A 268 -5.27 2.33 7.05
CA THR A 268 -3.88 2.61 6.80
C THR A 268 -3.06 1.34 7.03
N ILE A 269 -2.09 1.11 6.18
CA ILE A 269 -1.24 -0.07 6.22
C ILE A 269 0.13 0.39 6.69
N MET A 270 0.48 0.07 7.95
CA MET A 270 1.80 0.37 8.49
C MET A 270 2.77 -0.69 7.99
N ASP A 271 3.75 -0.28 7.19
CA ASP A 271 4.48 -1.17 6.30
C ASP A 271 5.85 -1.56 6.88
N PHE A 272 6.09 -2.86 7.03
CA PHE A 272 7.42 -3.39 7.28
C PHE A 272 8.10 -3.89 6.02
N GLU A 273 7.42 -3.86 4.87
CA GLU A 273 7.96 -4.51 3.68
C GLU A 273 8.54 -3.51 2.69
N ASP A 274 7.90 -3.31 1.52
CA ASP A 274 8.65 -2.76 0.39
C ASP A 274 8.93 -1.26 0.48
N SER A 275 8.32 -0.52 1.41
CA SER A 275 8.64 0.89 1.55
C SER A 275 9.66 1.16 2.66
N VAL A 276 10.27 0.13 3.25
CA VAL A 276 11.28 0.37 4.29
C VAL A 276 12.54 -0.46 4.05
N ALA A 277 13.63 0.00 4.64
CA ALA A 277 14.90 -0.70 4.57
C ALA A 277 15.24 -1.16 5.99
N ALA A 278 15.15 -2.48 6.22
CA ALA A 278 15.37 -3.04 7.55
C ALA A 278 16.08 -4.37 7.41
N VAL A 279 17.37 -4.39 7.75
CA VAL A 279 18.25 -5.49 7.37
C VAL A 279 18.84 -6.23 8.58
N ASP A 280 18.51 -5.83 9.80
CA ASP A 280 19.08 -6.48 10.98
C ASP A 280 18.16 -6.21 12.16
N ALA A 281 18.60 -6.65 13.36
CA ALA A 281 17.73 -6.54 14.52
C ALA A 281 17.49 -5.08 14.88
N ALA A 282 18.50 -4.23 14.74
CA ALA A 282 18.31 -2.82 15.09
C ALA A 282 17.21 -2.18 14.24
N ASP A 283 17.25 -2.43 12.93
CA ASP A 283 16.22 -1.89 12.05
C ASP A 283 14.85 -2.45 12.42
N LYS A 284 14.77 -3.76 12.65
CA LYS A 284 13.48 -4.38 12.95
C LYS A 284 12.90 -3.81 14.24
N VAL A 285 13.75 -3.53 15.22
CA VAL A 285 13.26 -3.04 16.51
C VAL A 285 12.70 -1.62 16.37
N LEU A 286 13.35 -0.78 15.56
CA LEU A 286 12.86 0.58 15.33
C LEU A 286 11.42 0.57 14.81
N GLY A 287 11.13 -0.33 13.86
CA GLY A 287 9.79 -0.43 13.33
C GLY A 287 8.82 -1.06 14.30
N TYR A 288 9.24 -2.13 14.98
CA TYR A 288 8.38 -2.72 16.01
C TYR A 288 8.00 -1.69 17.06
N ARG A 289 8.96 -0.85 17.46
CA ARG A 289 8.68 0.15 18.49
C ARG A 289 7.66 1.16 18.02
N ASN A 290 7.75 1.59 16.75
CA ASN A 290 6.76 2.51 16.21
C ASN A 290 5.39 1.88 16.15
N TRP A 291 5.32 0.63 15.66
CA TRP A 291 4.08 -0.12 15.66
C TRP A 291 3.51 -0.24 17.08
N LEU A 292 4.38 -0.40 18.08
CA LEU A 292 3.91 -0.48 19.47
C LEU A 292 3.34 0.85 19.94
N GLY A 293 4.02 1.95 19.64
CA GLY A 293 3.50 3.26 20.00
C GLY A 293 2.18 3.56 19.35
N LEU A 294 1.99 3.10 18.10
CA LEU A 294 0.70 3.26 17.44
C LEU A 294 -0.38 2.49 18.17
N ASN A 295 -0.09 1.24 18.54
CA ASN A 295 -1.12 0.42 19.14
C ASN A 295 -1.39 0.85 20.57
N LYS A 296 -0.36 1.26 21.31
CA LYS A 296 -0.59 1.74 22.66
C LYS A 296 -1.23 3.12 22.68
N GLY A 297 -1.14 3.85 21.58
CA GLY A 297 -1.72 5.16 21.50
C GLY A 297 -0.83 6.31 21.92
N ASP A 298 0.42 6.04 22.29
CA ASP A 298 1.28 7.08 22.85
C ASP A 298 2.45 7.44 21.94
N LEU A 299 2.45 7.04 20.67
CA LEU A 299 3.48 7.50 19.76
C LEU A 299 3.41 9.01 19.64
N ALA A 300 4.58 9.67 19.70
CA ALA A 300 4.61 11.12 19.64
C ALA A 300 5.96 11.61 19.14
N ALA A 301 5.92 12.72 18.38
CA ALA A 301 7.12 13.39 17.88
C ALA A 301 7.00 14.88 18.14
N ALA A 302 8.16 15.54 18.31
CA ALA A 302 8.19 16.98 18.60
C ALA A 302 7.89 17.84 17.37
N LEU A 311 4.65 18.94 20.32
CA LEU A 311 4.37 17.51 20.17
C LEU A 311 3.18 17.19 19.24
N ARG A 312 3.39 16.24 18.33
CA ARG A 312 2.32 15.70 17.49
C ARG A 312 1.90 14.32 17.98
N VAL A 313 0.61 14.15 18.25
CA VAL A 313 0.09 12.92 18.84
C VAL A 313 -1.08 12.38 18.00
N LEU A 314 -1.44 11.14 18.27
CA LEU A 314 -2.62 10.56 17.65
C LEU A 314 -3.88 11.30 18.06
N ASN A 315 -4.84 11.37 17.13
CA ASN A 315 -6.10 12.07 17.37
C ASN A 315 -7.07 11.20 18.17
N ARG A 316 -7.91 11.85 18.96
CA ARG A 316 -9.00 11.12 19.59
C ARG A 316 -10.27 11.18 18.72
N ASP A 317 -11.26 10.38 19.09
CA ASP A 317 -12.50 10.34 18.33
C ASP A 317 -13.16 11.74 18.29
N ARG A 318 -14.14 11.88 17.40
CA ARG A 318 -14.78 13.17 17.15
C ARG A 318 -16.22 13.15 17.64
N ASN A 319 -16.63 14.24 18.31
CA ASN A 319 -17.94 14.34 18.94
C ASN A 319 -18.92 15.16 18.11
N TYR A 320 -20.15 14.65 17.99
CA TYR A 320 -21.17 15.30 17.20
C TYR A 320 -22.51 15.22 17.91
N THR A 321 -23.41 16.11 17.51
CA THR A 321 -24.81 16.05 17.92
C THR A 321 -25.61 15.40 16.80
N ALA A 322 -26.46 14.44 17.17
CA ALA A 322 -27.28 13.81 16.17
C ALA A 322 -28.26 14.85 15.59
N PRO A 323 -28.75 14.63 14.37
CA PRO A 323 -29.81 15.51 13.85
C PRO A 323 -30.93 15.75 14.85
N GLY A 324 -31.29 14.72 15.63
CA GLY A 324 -32.35 14.80 16.63
C GLY A 324 -31.98 15.44 17.95
N GLY A 325 -30.70 15.71 18.19
CA GLY A 325 -30.29 16.41 19.40
C GLY A 325 -29.50 15.57 20.39
N GLY A 326 -29.50 14.24 20.27
CA GLY A 326 -28.65 13.41 21.09
C GLY A 326 -27.19 13.56 20.70
N GLN A 327 -26.33 12.81 21.40
CA GLN A 327 -24.89 12.85 21.20
C GLN A 327 -24.39 11.56 20.54
N PHE A 328 -23.34 11.68 19.73
CA PHE A 328 -22.64 10.51 19.22
C PHE A 328 -21.19 10.87 18.92
N THR A 329 -20.47 9.90 18.39
CA THR A 329 -19.01 9.95 18.30
C THR A 329 -18.58 9.21 17.03
N LEU A 330 -17.44 9.63 16.47
CA LEU A 330 -16.95 9.03 15.24
C LEU A 330 -15.46 8.74 15.34
N PRO A 331 -15.00 7.62 14.77
CA PRO A 331 -13.57 7.27 14.87
C PRO A 331 -12.70 8.37 14.28
N GLY A 332 -11.71 8.78 15.06
CA GLY A 332 -10.84 9.88 14.67
C GLY A 332 -9.56 9.44 14.02
N ARG A 333 -9.28 8.15 13.98
CA ARG A 333 -8.02 7.63 13.46
C ARG A 333 -8.32 6.65 12.33
N SER A 334 -7.35 6.49 11.44
CA SER A 334 -7.43 5.45 10.42
CA SER A 334 -7.45 5.45 10.42
C SER A 334 -7.28 4.09 11.07
N LEU A 335 -8.16 3.15 10.72
CA LEU A 335 -8.02 1.79 11.24
C LEU A 335 -6.77 1.13 10.65
N MET A 336 -5.90 0.60 11.51
CA MET A 336 -4.55 0.23 11.11
C MET A 336 -4.44 -1.24 10.73
N PHE A 337 -3.85 -1.51 9.56
CA PHE A 337 -3.25 -2.78 9.19
C PHE A 337 -1.75 -2.69 9.45
N VAL A 338 -1.10 -3.84 9.47
CA VAL A 338 0.36 -3.88 9.39
C VAL A 338 0.74 -4.85 8.28
N ARG A 339 1.68 -4.46 7.43
CA ARG A 339 2.15 -5.33 6.35
C ARG A 339 3.45 -5.98 6.81
N ASN A 340 3.38 -7.30 7.02
CA ASN A 340 4.53 -8.14 7.35
C ASN A 340 5.33 -8.43 6.07
N VAL A 341 6.56 -8.90 6.22
CA VAL A 341 7.29 -9.33 5.02
C VAL A 341 6.76 -10.70 4.61
N GLY A 342 7.07 -11.11 3.38
CA GLY A 342 6.57 -12.35 2.81
C GLY A 342 7.47 -13.52 3.17
N HIS A 343 7.29 -14.63 2.45
CA HIS A 343 7.94 -15.88 2.83
C HIS A 343 9.44 -15.94 2.53
N LEU A 344 10.02 -14.99 1.79
CA LEU A 344 11.36 -15.21 1.21
C LEU A 344 12.50 -15.09 2.22
N MET A 345 12.59 -13.98 2.92
CA MET A 345 13.87 -13.57 3.48
C MET A 345 14.06 -14.11 4.89
N THR A 346 15.32 -14.30 5.23
CA THR A 346 15.71 -14.51 6.62
C THR A 346 16.32 -13.22 7.14
N ASN A 347 16.44 -13.13 8.46
CA ASN A 347 17.00 -11.97 9.12
C ASN A 347 17.79 -12.46 10.34
N ASP A 348 18.99 -11.91 10.54
CA ASP A 348 19.85 -12.35 11.64
C ASP A 348 19.48 -11.75 12.99
N ALA A 349 18.34 -11.05 13.09
CA ALA A 349 17.80 -10.72 14.41
C ALA A 349 17.69 -11.95 15.30
N ILE A 350 17.40 -13.11 14.70
CA ILE A 350 17.52 -14.41 15.36
C ILE A 350 18.28 -15.34 14.42
N VAL A 351 19.22 -16.10 14.99
CA VAL A 351 19.87 -17.18 14.29
C VAL A 351 19.77 -18.42 15.16
N ASP A 352 19.88 -19.60 14.54
CA ASP A 352 19.88 -20.82 15.34
C ASP A 352 21.31 -21.21 15.72
N THR A 353 21.44 -22.33 16.44
CA THR A 353 22.75 -22.69 16.99
C THR A 353 23.79 -22.91 15.90
N ASP A 354 23.37 -23.20 14.67
CA ASP A 354 24.27 -23.35 13.54
C ASP A 354 24.56 -22.03 12.85
N GLY A 355 24.08 -20.91 13.36
CA GLY A 355 24.29 -19.64 12.70
C GLY A 355 23.33 -19.31 11.58
N SER A 356 22.38 -20.18 11.27
CA SER A 356 21.41 -19.91 10.20
C SER A 356 20.41 -18.86 10.64
N GLU A 357 20.13 -17.88 9.76
CA GLU A 357 19.17 -16.85 10.08
C GLU A 357 17.74 -17.41 10.04
N VAL A 358 16.90 -16.86 10.90
CA VAL A 358 15.49 -17.25 11.02
C VAL A 358 14.65 -16.52 9.95
N PHE A 359 13.56 -17.16 9.54
CA PHE A 359 12.70 -16.57 8.51
C PHE A 359 12.01 -15.33 9.04
N GLU A 360 12.14 -14.22 8.31
CA GLU A 360 11.67 -12.93 8.80
C GLU A 360 10.15 -12.85 8.83
N GLY A 361 9.46 -13.46 7.85
CA GLY A 361 8.01 -13.52 7.92
C GLY A 361 7.48 -14.20 9.16
N ILE A 362 8.12 -15.30 9.59
CA ILE A 362 7.68 -15.97 10.82
C ILE A 362 7.83 -15.01 12.01
N MET A 363 8.96 -14.32 12.07
CA MET A 363 9.22 -13.36 13.15
C MET A 363 8.22 -12.22 13.13
N ASP A 364 7.94 -11.68 11.95
CA ASP A 364 6.97 -10.59 11.87
C ASP A 364 5.62 -11.03 12.41
N ALA A 365 5.17 -12.25 12.07
CA ALA A 365 3.87 -12.69 12.58
C ALA A 365 3.86 -12.76 14.10
N LEU A 366 4.93 -13.29 14.70
CA LEU A 366 5.02 -13.35 16.16
C LEU A 366 5.05 -11.95 16.76
N PHE A 367 5.93 -11.09 16.27
CA PHE A 367 6.18 -9.84 16.96
C PHE A 367 5.13 -8.79 16.64
N THR A 368 4.76 -8.62 15.35
CA THR A 368 3.69 -7.66 15.07
C THR A 368 2.37 -8.15 15.63
N GLY A 369 2.13 -9.45 15.61
CA GLY A 369 0.92 -9.97 16.25
C GLY A 369 0.89 -9.70 17.75
N LEU A 370 2.03 -9.90 18.42
CA LEU A 370 2.09 -9.65 19.86
C LEU A 370 1.80 -8.18 20.15
N ILE A 371 2.49 -7.30 19.42
CA ILE A 371 2.32 -5.86 19.63
C ILE A 371 0.89 -5.43 19.36
N ALA A 372 0.23 -6.06 18.40
CA ALA A 372 -1.12 -5.66 18.04
C ALA A 372 -2.13 -5.89 19.16
N ILE A 373 -1.80 -6.73 20.15
CA ILE A 373 -2.71 -6.94 21.26
C ILE A 373 -2.99 -5.63 21.99
N HIS A 374 -2.00 -4.75 22.05
CA HIS A 374 -2.18 -3.46 22.71
C HIS A 374 -3.26 -2.60 22.05
N GLY A 375 -3.50 -2.79 20.74
CA GLY A 375 -4.51 -1.99 20.05
C GLY A 375 -5.92 -2.46 20.27
N LEU A 376 -6.07 -3.64 20.88
CA LEU A 376 -7.37 -4.20 21.21
C LEU A 376 -7.84 -3.80 22.60
N LYS A 377 -7.10 -2.96 23.31
CA LYS A 377 -7.44 -2.65 24.69
C LYS A 377 -7.09 -1.20 25.02
N ALA A 378 -7.62 -0.76 26.17
CA ALA A 378 -7.70 0.67 26.51
C ALA A 378 -6.33 1.30 26.61
N SER A 379 -6.18 2.45 25.94
CA SER A 379 -4.94 3.21 25.91
C SER A 379 -4.92 4.22 27.06
N ASP A 380 -3.84 4.21 27.83
CA ASP A 380 -3.70 5.13 28.96
C ASP A 380 -3.39 6.56 28.50
N GLY A 383 -7.57 7.31 25.70
CA GLY A 383 -8.43 6.60 26.64
C GLY A 383 -8.97 5.29 26.10
N PRO A 384 -9.98 5.37 25.22
CA PRO A 384 -10.56 4.14 24.65
C PRO A 384 -9.55 3.40 23.77
N LEU A 385 -9.80 2.08 23.65
CA LEU A 385 -9.16 1.18 22.70
C LEU A 385 -8.73 1.89 21.41
N ILE A 386 -7.51 1.59 20.93
CA ILE A 386 -6.98 2.35 19.79
C ILE A 386 -7.54 1.85 18.47
N ASN A 387 -7.50 0.53 18.21
CA ASN A 387 -7.75 0.04 16.86
C ASN A 387 -9.08 -0.70 16.72
N SER A 388 -9.05 -2.02 16.65
CA SER A 388 -10.22 -2.80 16.26
C SER A 388 -11.19 -2.94 17.43
N ARG A 389 -12.36 -2.33 17.31
CA ARG A 389 -13.35 -2.52 18.37
C ARG A 389 -14.00 -3.90 18.32
N THR A 390 -13.84 -4.64 17.23
CA THR A 390 -14.47 -5.93 17.08
C THR A 390 -13.55 -7.09 17.41
N GLY A 391 -12.30 -6.82 17.78
CA GLY A 391 -11.41 -7.85 18.26
C GLY A 391 -10.40 -8.41 17.28
N SER A 392 -10.18 -7.77 16.12
CA SER A 392 -9.34 -8.35 15.09
C SER A 392 -7.97 -7.68 15.02
N ILE A 393 -7.00 -8.44 14.51
CA ILE A 393 -5.67 -7.96 14.17
C ILE A 393 -5.52 -8.10 12.65
N TYR A 394 -5.11 -7.03 11.98
CA TYR A 394 -5.18 -6.96 10.52
C TYR A 394 -3.78 -6.95 9.92
N ILE A 395 -3.40 -8.07 9.32
CA ILE A 395 -2.05 -8.26 8.77
C ILE A 395 -2.14 -8.42 7.26
N VAL A 396 -1.37 -7.61 6.53
CA VAL A 396 -1.22 -7.76 5.09
C VAL A 396 -0.03 -8.68 4.83
N LYS A 397 -0.23 -9.71 4.02
CA LYS A 397 0.83 -10.67 3.71
C LYS A 397 1.16 -10.58 2.22
N PRO A 398 2.32 -10.06 1.87
CA PRO A 398 2.68 -9.85 0.46
C PRO A 398 3.41 -11.04 -0.15
N LYS A 399 3.48 -11.01 -1.47
CA LYS A 399 4.37 -11.84 -2.30
C LYS A 399 4.17 -13.34 -2.10
N MET A 400 2.96 -13.77 -1.79
CA MET A 400 2.70 -15.21 -1.76
C MET A 400 2.49 -15.73 -3.17
N HIS A 401 2.95 -16.96 -3.42
CA HIS A 401 2.83 -17.64 -4.72
C HIS A 401 1.98 -18.89 -4.54
N GLY A 402 0.67 -18.77 -4.78
CA GLY A 402 -0.21 -19.93 -4.85
C GLY A 402 -0.94 -20.25 -3.56
N PRO A 403 -1.93 -21.14 -3.66
CA PRO A 403 -2.75 -21.46 -2.48
C PRO A 403 -2.00 -22.09 -1.33
N ALA A 404 -1.01 -22.94 -1.61
CA ALA A 404 -0.31 -23.61 -0.51
C ALA A 404 0.46 -22.60 0.30
N GLU A 405 0.96 -21.55 -0.35
CA GLU A 405 1.64 -20.50 0.42
C GLU A 405 0.65 -19.69 1.25
N VAL A 406 -0.58 -19.51 0.75
CA VAL A 406 -1.61 -18.89 1.58
C VAL A 406 -1.98 -19.79 2.76
N ALA A 407 -2.15 -21.10 2.52
CA ALA A 407 -2.48 -22.00 3.59
C ALA A 407 -1.41 -21.97 4.68
N PHE A 408 -0.14 -21.88 4.27
CA PHE A 408 0.96 -21.81 5.23
C PHE A 408 0.89 -20.54 6.06
N THR A 409 0.56 -19.40 5.43
CA THR A 409 0.41 -18.18 6.21
C THR A 409 -0.71 -18.32 7.24
N CYS A 410 -1.80 -18.99 6.86
CA CYS A 410 -2.87 -19.16 7.82
C CYS A 410 -2.45 -20.11 8.95
N GLU A 411 -1.70 -21.16 8.62
CA GLU A 411 -1.22 -22.05 9.66
C GLU A 411 -0.28 -21.31 10.61
N LEU A 412 0.61 -20.48 10.05
CA LEU A 412 1.50 -19.65 10.87
C LEU A 412 0.72 -18.75 11.82
N PHE A 413 -0.35 -18.11 11.32
CA PHE A 413 -1.16 -17.25 12.19
C PHE A 413 -1.85 -18.07 13.29
N SER A 414 -2.31 -19.27 12.95
CA SER A 414 -2.95 -20.12 13.94
C SER A 414 -1.98 -20.48 15.05
N ARG A 415 -0.74 -20.82 14.69
CA ARG A 415 0.29 -21.12 15.69
C ARG A 415 0.66 -19.88 16.52
N VAL A 416 0.68 -18.70 15.90
CA VAL A 416 0.98 -17.49 16.66
C VAL A 416 -0.15 -17.18 17.63
N GLU A 417 -1.40 -17.35 17.18
CA GLU A 417 -2.53 -17.12 18.06
C GLU A 417 -2.45 -18.01 19.29
N ASP A 418 -1.99 -19.25 19.11
CA ASP A 418 -1.81 -20.16 20.24
C ASP A 418 -0.76 -19.61 21.19
N VAL A 419 0.42 -19.23 20.67
CA VAL A 419 1.47 -18.67 21.49
C VAL A 419 1.00 -17.44 22.25
N LEU A 420 0.21 -16.60 21.59
CA LEU A 420 -0.27 -15.34 22.16
C LEU A 420 -1.49 -15.51 23.05
N GLY A 421 -2.10 -16.69 23.07
CA GLY A 421 -3.32 -16.86 23.84
C GLY A 421 -4.53 -16.16 23.27
N LEU A 422 -4.53 -15.86 21.92
CA LEU A 422 -5.65 -15.18 21.31
C LEU A 422 -6.62 -16.18 20.72
N PRO A 423 -7.90 -15.80 20.63
CA PRO A 423 -8.86 -16.65 19.93
C PRO A 423 -8.35 -16.99 18.54
N GLN A 424 -8.67 -18.20 18.09
CA GLN A 424 -8.33 -18.56 16.73
C GLN A 424 -9.03 -17.60 15.77
N ASN A 425 -8.31 -17.22 14.70
CA ASN A 425 -8.77 -16.37 13.59
C ASN A 425 -8.83 -14.89 13.99
N THR A 426 -8.30 -14.53 15.16
CA THR A 426 -8.09 -13.13 15.51
C THR A 426 -7.26 -12.41 14.45
N MET A 427 -6.23 -13.08 13.94
CA MET A 427 -5.28 -12.52 12.99
C MET A 427 -5.82 -12.71 11.58
N LYS A 428 -6.37 -11.63 11.02
CA LYS A 428 -6.95 -11.61 9.70
C LYS A 428 -5.86 -11.32 8.67
N ILE A 429 -6.15 -11.63 7.41
CA ILE A 429 -5.13 -11.57 6.38
C ILE A 429 -5.62 -10.73 5.21
N GLY A 430 -4.86 -9.70 4.87
CA GLY A 430 -5.03 -9.01 3.61
C GLY A 430 -4.10 -9.62 2.59
N ILE A 431 -4.67 -10.26 1.58
CA ILE A 431 -3.92 -11.02 0.58
C ILE A 431 -3.51 -10.09 -0.55
N MET A 432 -2.21 -9.93 -0.76
CA MET A 432 -1.73 -9.29 -2.00
C MET A 432 -1.77 -10.29 -3.13
N ASP A 433 -2.44 -9.92 -4.22
CA ASP A 433 -2.40 -10.63 -5.50
C ASP A 433 -1.36 -9.91 -6.34
N GLU A 434 -0.11 -10.35 -6.19
CA GLU A 434 1.00 -9.63 -6.83
C GLU A 434 2.06 -10.60 -7.35
N GLU A 435 1.70 -11.88 -7.50
CA GLU A 435 2.53 -12.88 -8.14
C GLU A 435 1.65 -13.72 -9.05
N ARG A 436 2.22 -14.12 -10.19
CA ARG A 436 1.44 -14.78 -11.23
C ARG A 436 0.80 -16.08 -10.73
N ARG A 437 1.53 -16.89 -9.94
CA ARG A 437 0.95 -18.14 -9.49
C ARG A 437 -0.18 -17.94 -8.48
N THR A 438 -0.25 -16.78 -7.84
CA THR A 438 -1.45 -16.43 -7.08
C THR A 438 -2.57 -15.94 -8.01
N THR A 439 -2.24 -15.06 -8.97
CA THR A 439 -3.23 -14.59 -9.93
C THR A 439 -4.02 -15.73 -10.56
N VAL A 440 -3.31 -16.68 -11.16
CA VAL A 440 -3.97 -17.74 -11.92
C VAL A 440 -4.54 -18.84 -11.04
N ASN A 441 -4.32 -18.77 -9.72
CA ASN A 441 -4.95 -19.64 -8.73
C ASN A 441 -5.69 -18.85 -7.66
N LEU A 442 -6.22 -17.68 -8.00
CA LEU A 442 -6.66 -16.75 -6.96
C LEU A 442 -7.84 -17.28 -6.16
N LYS A 443 -8.80 -17.93 -6.83
CA LYS A 443 -9.95 -18.48 -6.12
C LYS A 443 -9.50 -19.47 -5.04
N ALA A 444 -8.59 -20.39 -5.38
CA ALA A 444 -8.05 -21.31 -4.39
C ALA A 444 -7.29 -20.58 -3.28
N CYS A 445 -6.63 -19.46 -3.62
CA CYS A 445 -5.89 -18.70 -2.61
C CYS A 445 -6.85 -18.08 -1.59
N ILE A 446 -7.92 -17.44 -2.07
CA ILE A 446 -8.97 -16.92 -1.19
C ILE A 446 -9.56 -18.05 -0.34
N LYS A 447 -9.85 -19.19 -0.96
CA LYS A 447 -10.46 -20.30 -0.23
C LYS A 447 -9.54 -20.81 0.88
N ALA A 448 -8.24 -20.84 0.61
CA ALA A 448 -7.28 -21.22 1.63
C ALA A 448 -7.34 -20.32 2.85
N ALA A 449 -7.86 -19.11 2.72
CA ALA A 449 -7.97 -18.17 3.83
C ALA A 449 -9.40 -17.73 4.05
N ALA A 450 -10.36 -18.62 3.76
CA ALA A 450 -11.77 -18.24 3.70
C ALA A 450 -12.31 -17.73 5.04
N ASP A 451 -11.72 -18.15 6.16
CA ASP A 451 -12.18 -17.64 7.45
C ASP A 451 -11.27 -16.55 8.03
N ARG A 452 -10.23 -16.13 7.31
CA ARG A 452 -9.38 -15.05 7.80
C ARG A 452 -9.31 -13.85 6.87
N VAL A 453 -9.68 -13.99 5.59
CA VAL A 453 -9.32 -12.97 4.61
C VAL A 453 -10.18 -11.73 4.81
N VAL A 454 -9.53 -10.57 4.80
CA VAL A 454 -10.21 -9.28 4.87
C VAL A 454 -9.95 -8.39 3.66
N PHE A 455 -8.99 -8.74 2.80
CA PHE A 455 -8.97 -8.12 1.49
C PHE A 455 -8.12 -8.94 0.54
N ILE A 456 -8.34 -8.69 -0.74
CA ILE A 456 -7.39 -8.96 -1.80
C ILE A 456 -7.05 -7.61 -2.41
N ASN A 457 -5.85 -7.52 -2.97
CA ASN A 457 -5.41 -6.26 -3.57
C ASN A 457 -4.46 -6.60 -4.70
N THR A 458 -4.67 -5.96 -5.85
CA THR A 458 -3.78 -6.15 -7.00
C THR A 458 -2.53 -5.30 -6.79
N GLY A 459 -1.48 -5.91 -6.22
CA GLY A 459 -0.19 -5.26 -6.20
C GLY A 459 0.48 -5.29 -7.55
N PHE A 460 0.10 -4.34 -8.42
CA PHE A 460 0.43 -4.45 -9.84
C PHE A 460 1.91 -4.27 -10.12
N LEU A 461 2.66 -3.58 -9.25
CA LEU A 461 4.07 -3.38 -9.55
C LEU A 461 4.84 -4.68 -9.35
N ASP A 462 4.67 -5.31 -8.18
CA ASP A 462 5.27 -6.63 -7.98
C ASP A 462 4.81 -7.59 -9.06
N ARG A 463 3.51 -7.55 -9.39
CA ARG A 463 2.95 -8.46 -10.38
C ARG A 463 3.66 -8.32 -11.72
N THR A 464 4.03 -7.10 -12.08
CA THR A 464 4.75 -6.87 -13.32
C THR A 464 6.16 -7.43 -13.25
N GLY A 465 6.83 -7.25 -12.11
CA GLY A 465 8.14 -7.87 -11.93
C GLY A 465 8.06 -9.37 -12.07
N ASP A 466 7.08 -9.99 -11.41
CA ASP A 466 6.94 -11.44 -11.52
C ASP A 466 6.58 -11.86 -12.94
N GLU A 467 5.85 -11.01 -13.68
CA GLU A 467 5.54 -11.30 -15.08
C GLU A 467 6.83 -11.37 -15.90
N ILE A 468 7.72 -10.39 -15.70
CA ILE A 468 8.98 -10.39 -16.45
C ILE A 468 9.83 -11.60 -16.08
N HIS A 469 9.96 -11.89 -14.78
CA HIS A 469 10.90 -12.92 -14.40
C HIS A 469 10.41 -14.31 -14.82
N THR A 470 9.11 -14.57 -14.64
CA THR A 470 8.54 -15.87 -14.95
C THR A 470 8.76 -16.24 -16.41
N SER A 471 8.60 -15.27 -17.31
CA SER A 471 8.76 -15.51 -18.74
C SER A 471 10.09 -14.99 -19.27
N MET A 472 11.07 -14.82 -18.37
CA MET A 472 12.37 -14.26 -18.72
C MET A 472 13.00 -14.92 -19.95
N GLU A 473 12.84 -16.24 -20.08
CA GLU A 473 13.49 -16.98 -21.16
C GLU A 473 12.70 -16.94 -22.47
N ALA A 474 11.48 -16.41 -22.45
CA ALA A 474 10.62 -16.46 -23.64
C ALA A 474 11.07 -15.52 -24.74
N GLY A 475 11.75 -14.43 -24.41
CA GLY A 475 12.12 -13.42 -25.37
C GLY A 475 12.12 -12.06 -24.71
N PRO A 476 12.42 -11.01 -25.49
CA PRO A 476 12.44 -9.66 -24.92
C PRO A 476 11.04 -9.15 -24.64
N MET A 477 10.89 -8.46 -23.50
CA MET A 477 9.60 -7.92 -23.07
C MET A 477 9.39 -6.48 -23.55
N VAL A 478 8.11 -6.05 -23.55
CA VAL A 478 7.79 -4.66 -23.89
C VAL A 478 8.40 -3.72 -22.86
N ARG A 479 8.56 -2.47 -23.28
CA ARG A 479 9.10 -1.45 -22.41
C ARG A 479 8.22 -1.26 -21.20
N LYS A 480 8.81 -0.68 -20.15
CA LYS A 480 8.16 -0.64 -18.84
C LYS A 480 6.84 0.14 -18.89
N GLY A 481 6.85 1.29 -19.57
CA GLY A 481 5.64 2.11 -19.72
C GLY A 481 4.54 1.44 -20.53
N THR A 482 4.87 0.44 -21.34
CA THR A 482 3.89 -0.30 -22.12
C THR A 482 3.15 -1.35 -21.30
N MET A 483 3.70 -1.71 -20.14
CA MET A 483 3.12 -2.80 -19.34
C MET A 483 1.70 -2.48 -18.88
N LYS A 484 1.46 -1.23 -18.45
CA LYS A 484 0.16 -0.80 -17.93
C LYS A 484 -1.01 -1.11 -18.86
N SER A 485 -0.77 -1.29 -20.16
CA SER A 485 -1.85 -1.53 -21.11
C SER A 485 -1.78 -2.91 -21.74
N GLN A 486 -0.86 -3.77 -21.29
CA GLN A 486 -0.74 -5.09 -21.86
C GLN A 486 -1.97 -5.93 -21.48
N PRO A 487 -2.40 -6.81 -22.39
CA PRO A 487 -3.51 -7.73 -22.10
C PRO A 487 -3.44 -8.47 -20.77
N TRP A 488 -2.27 -8.99 -20.37
CA TRP A 488 -2.20 -9.78 -19.15
C TRP A 488 -2.65 -8.98 -17.93
N ILE A 489 -2.29 -7.71 -17.89
CA ILE A 489 -2.52 -6.92 -16.68
C ILE A 489 -3.96 -6.46 -16.62
N LEU A 490 -4.59 -6.20 -17.78
CA LEU A 490 -6.01 -5.85 -17.73
C LEU A 490 -6.83 -7.04 -17.31
N ALA A 491 -6.50 -8.24 -17.79
CA ALA A 491 -7.20 -9.43 -17.32
C ALA A 491 -6.98 -9.64 -15.83
N TYR A 492 -5.75 -9.40 -15.36
CA TYR A 492 -5.43 -9.63 -13.96
C TYR A 492 -6.26 -8.74 -13.05
N GLU A 493 -6.41 -7.44 -13.41
CA GLU A 493 -7.20 -6.51 -12.61
C GLU A 493 -8.66 -6.93 -12.55
N ASP A 494 -9.25 -7.26 -13.71
CA ASP A 494 -10.64 -7.71 -13.71
C ASP A 494 -10.79 -9.06 -13.02
N HIS A 495 -9.87 -10.00 -13.28
CA HIS A 495 -9.93 -11.32 -12.66
C HIS A 495 -9.96 -11.21 -11.13
N ASN A 496 -9.19 -10.27 -10.58
CA ASN A 496 -9.15 -10.08 -9.13
C ASN A 496 -10.50 -9.65 -8.59
N VAL A 497 -11.13 -8.64 -9.22
CA VAL A 497 -12.44 -8.19 -8.76
C VAL A 497 -13.47 -9.32 -8.88
N ASP A 498 -13.49 -10.02 -10.02
CA ASP A 498 -14.43 -11.13 -10.19
C ASP A 498 -14.29 -12.15 -9.07
N ALA A 499 -13.06 -12.58 -8.77
CA ALA A 499 -12.83 -13.57 -7.71
C ALA A 499 -13.32 -13.06 -6.36
N GLY A 500 -12.98 -11.83 -6.01
CA GLY A 500 -13.44 -11.27 -4.75
C GLY A 500 -14.95 -11.26 -4.64
N LEU A 501 -15.65 -10.64 -5.61
CA LEU A 501 -17.10 -10.56 -5.54
C LEU A 501 -17.72 -11.96 -5.54
N ALA A 502 -17.16 -12.88 -6.31
CA ALA A 502 -17.72 -14.23 -6.35
C ALA A 502 -17.51 -14.99 -5.05
N ALA A 503 -16.51 -14.63 -4.27
CA ALA A 503 -16.29 -15.21 -2.96
C ALA A 503 -17.08 -14.49 -1.88
N GLY A 504 -17.93 -13.53 -2.26
CA GLY A 504 -18.79 -12.85 -1.32
C GLY A 504 -18.19 -11.64 -0.66
N PHE A 505 -17.25 -10.96 -1.33
CA PHE A 505 -16.55 -9.88 -0.67
C PHE A 505 -17.45 -8.67 -0.40
N SER A 506 -18.48 -8.44 -1.22
CA SER A 506 -19.37 -7.30 -1.00
C SER A 506 -20.00 -7.40 0.37
N GLY A 507 -19.77 -6.40 1.21
CA GLY A 507 -20.22 -6.42 2.58
C GLY A 507 -19.36 -7.21 3.54
N ARG A 508 -18.25 -7.81 3.08
CA ARG A 508 -17.47 -8.69 3.94
C ARG A 508 -15.98 -8.40 3.95
N ALA A 509 -15.41 -7.91 2.85
CA ALA A 509 -13.96 -7.74 2.74
C ALA A 509 -13.66 -6.82 1.57
N GLN A 510 -12.54 -6.08 1.67
CA GLN A 510 -12.19 -5.10 0.66
C GLN A 510 -11.70 -5.76 -0.63
N VAL A 511 -12.05 -5.17 -1.75
CA VAL A 511 -11.45 -5.47 -3.05
C VAL A 511 -10.62 -4.26 -3.39
N GLY A 512 -9.30 -4.42 -3.39
CA GLY A 512 -8.39 -3.30 -3.45
C GLY A 512 -7.58 -3.29 -4.73
N LYS A 513 -7.20 -2.09 -5.17
CA LYS A 513 -6.30 -1.89 -6.30
C LYS A 513 -5.12 -1.01 -5.86
N GLY A 514 -4.21 -0.73 -6.80
CA GLY A 514 -2.84 -0.38 -6.49
C GLY A 514 -2.54 1.11 -6.31
N MET A 515 -1.25 1.39 -6.16
CA MET A 515 -0.74 2.67 -5.68
C MET A 515 -0.58 3.70 -6.79
N TRP A 516 -0.96 4.93 -6.48
CA TRP A 516 -0.64 6.09 -7.30
C TRP A 516 0.73 6.61 -6.87
N THR A 517 1.72 6.53 -7.76
CA THR A 517 3.11 6.84 -7.40
C THR A 517 3.55 8.27 -7.71
N MET A 518 2.81 9.00 -8.55
CA MET A 518 3.24 10.34 -8.98
C MET A 518 2.71 11.39 -8.01
N THR A 519 3.45 11.60 -6.92
CA THR A 519 2.95 12.39 -5.78
C THR A 519 2.69 13.85 -6.11
N GLU A 520 3.33 14.43 -7.12
CA GLU A 520 3.08 15.82 -7.49
CA GLU A 520 3.06 15.81 -7.48
C GLU A 520 1.95 15.96 -8.50
N LEU A 521 1.57 14.89 -9.18
CA LEU A 521 0.55 14.99 -10.24
C LEU A 521 -0.83 14.62 -9.67
N MET A 522 -1.33 15.53 -8.83
CA MET A 522 -2.63 15.32 -8.17
C MET A 522 -3.80 15.67 -9.07
N ALA A 523 -3.65 16.65 -9.95
CA ALA A 523 -4.65 16.84 -10.99
C ALA A 523 -4.85 15.54 -11.77
N ASP A 524 -3.73 14.93 -12.18
CA ASP A 524 -3.82 13.69 -12.94
CA ASP A 524 -3.81 13.68 -12.94
C ASP A 524 -4.46 12.58 -12.12
N MET A 525 -4.10 12.51 -10.82
CA MET A 525 -4.69 11.48 -9.98
C MET A 525 -6.19 11.66 -9.87
N VAL A 526 -6.64 12.90 -9.64
CA VAL A 526 -8.06 13.13 -9.51
C VAL A 526 -8.77 12.81 -10.82
N GLU A 527 -8.11 13.05 -11.96
CA GLU A 527 -8.69 12.72 -13.26
C GLU A 527 -8.73 11.21 -13.51
N THR A 528 -7.65 10.51 -13.19
CA THR A 528 -7.40 9.15 -13.66
C THR A 528 -7.84 8.07 -12.67
N LYS A 529 -7.54 8.25 -11.39
CA LYS A 529 -7.68 7.18 -10.41
C LYS A 529 -9.14 6.85 -10.09
N ILE A 530 -10.10 7.62 -10.61
CA ILE A 530 -11.50 7.28 -10.48
C ILE A 530 -11.81 5.96 -11.15
N ALA A 531 -10.96 5.51 -12.08
CA ALA A 531 -11.17 4.22 -12.73
C ALA A 531 -11.20 3.06 -11.74
N GLN A 532 -10.48 3.18 -10.61
CA GLN A 532 -10.42 2.06 -9.69
C GLN A 532 -11.74 1.83 -8.98
N PRO A 533 -12.35 2.82 -8.30
CA PRO A 533 -13.72 2.58 -7.79
C PRO A 533 -14.68 2.24 -8.91
N ARG A 534 -14.52 2.82 -10.10
CA ARG A 534 -15.40 2.48 -11.20
C ARG A 534 -15.27 1.03 -11.64
N ALA A 535 -14.14 0.39 -11.33
CA ALA A 535 -13.96 -1.02 -11.62
C ALA A 535 -14.44 -1.91 -10.49
N GLY A 536 -15.11 -1.35 -9.48
CA GLY A 536 -15.66 -2.13 -8.40
C GLY A 536 -14.78 -2.29 -7.19
N ALA A 537 -13.63 -1.61 -7.15
CA ALA A 537 -12.70 -1.70 -6.02
C ALA A 537 -13.23 -0.85 -4.87
N SER A 538 -13.42 -1.48 -3.70
CA SER A 538 -13.85 -0.75 -2.51
C SER A 538 -12.70 -0.05 -1.81
N THR A 539 -11.47 -0.26 -2.26
CA THR A 539 -10.36 0.54 -1.76
C THR A 539 -9.25 0.56 -2.79
N ALA A 540 -8.36 1.53 -2.67
CA ALA A 540 -7.14 1.56 -3.47
C ALA A 540 -6.12 2.44 -2.76
N TRP A 541 -4.87 2.30 -3.17
CA TRP A 541 -3.73 2.77 -2.39
C TRP A 541 -3.31 4.19 -2.78
N VAL A 542 -3.08 5.02 -1.77
CA VAL A 542 -2.58 6.38 -1.95
C VAL A 542 -1.29 6.52 -1.15
N PRO A 543 -0.40 7.43 -1.55
CA PRO A 543 0.92 7.52 -0.92
C PRO A 543 1.03 8.57 0.17
N SER A 544 0.00 9.39 0.38
CA SER A 544 0.12 10.47 1.35
C SER A 544 -1.27 10.79 1.89
N PRO A 545 -1.35 11.43 3.05
CA PRO A 545 -2.65 11.90 3.54
C PRO A 545 -3.33 12.89 2.59
N THR A 546 -2.57 13.80 1.99
CA THR A 546 -3.13 14.68 0.97
C THR A 546 -3.75 13.89 -0.17
N ALA A 547 -3.03 12.88 -0.68
CA ALA A 547 -3.58 12.06 -1.74
C ALA A 547 -4.79 11.25 -1.28
N ALA A 548 -4.85 10.86 0.01
CA ALA A 548 -6.03 10.19 0.53
C ALA A 548 -7.26 11.10 0.46
N THR A 549 -7.09 12.37 0.82
CA THR A 549 -8.21 13.31 0.79
C THR A 549 -8.74 13.51 -0.63
N LEU A 550 -7.83 13.70 -1.60
CA LEU A 550 -8.27 13.87 -2.98
C LEU A 550 -8.85 12.60 -3.56
N HIS A 551 -8.32 11.43 -3.18
CA HIS A 551 -8.88 10.18 -3.69
C HIS A 551 -10.26 9.93 -3.11
N ALA A 552 -10.55 10.49 -1.92
CA ALA A 552 -11.89 10.38 -1.33
C ALA A 552 -12.96 10.99 -2.24
N LEU A 553 -12.62 12.03 -3.01
CA LEU A 553 -13.58 12.57 -3.97
C LEU A 553 -14.16 11.47 -4.85
N HIS A 554 -13.32 10.51 -5.26
CA HIS A 554 -13.77 9.49 -6.19
C HIS A 554 -14.88 8.62 -5.64
N TYR A 555 -14.88 8.38 -4.33
CA TYR A 555 -15.86 7.54 -3.68
C TYR A 555 -17.18 8.27 -3.47
N HIS A 556 -17.16 9.60 -3.52
CA HIS A 556 -18.40 10.35 -3.50
C HIS A 556 -19.02 10.39 -4.89
N GLN A 557 -18.19 10.36 -5.94
CA GLN A 557 -18.70 10.33 -7.30
CA GLN A 557 -18.70 10.33 -7.30
C GLN A 557 -19.22 8.94 -7.66
N VAL A 558 -18.52 7.89 -7.22
CA VAL A 558 -18.77 6.51 -7.64
C VAL A 558 -19.43 5.78 -6.48
N ASP A 559 -20.56 5.12 -6.77
CA ASP A 559 -21.24 4.29 -5.77
C ASP A 559 -20.72 2.87 -5.91
N VAL A 560 -19.65 2.57 -5.17
CA VAL A 560 -18.94 1.29 -5.32
C VAL A 560 -19.84 0.11 -5.01
N ALA A 561 -20.67 0.22 -3.97
CA ALA A 561 -21.58 -0.86 -3.63
C ALA A 561 -22.50 -1.20 -4.79
N ALA A 562 -23.03 -0.16 -5.47
CA ALA A 562 -23.82 -0.39 -6.67
C ALA A 562 -22.99 -1.08 -7.74
N VAL A 563 -21.79 -0.54 -7.99
CA VAL A 563 -20.91 -1.09 -9.04
C VAL A 563 -20.66 -2.57 -8.79
N GLN A 564 -20.34 -2.93 -7.54
CA GLN A 564 -20.10 -4.33 -7.20
C GLN A 564 -21.33 -5.18 -7.45
N GLN A 565 -22.51 -4.69 -7.05
CA GLN A 565 -23.73 -5.45 -7.30
C GLN A 565 -23.92 -5.73 -8.79
N GLY A 566 -23.62 -4.75 -9.65
CA GLY A 566 -23.79 -4.94 -11.08
C GLY A 566 -22.76 -5.85 -11.70
N LEU A 567 -21.57 -5.97 -11.08
CA LEU A 567 -20.51 -6.85 -11.56
C LEU A 567 -20.72 -8.32 -11.19
N ALA A 568 -21.67 -8.61 -10.30
CA ALA A 568 -21.76 -9.92 -9.67
C ALA A 568 -22.06 -11.01 -10.68
N GLY A 569 -21.42 -12.17 -10.50
CA GLY A 569 -21.60 -13.29 -11.39
C GLY A 569 -20.89 -13.19 -12.71
N LYS A 570 -20.29 -12.04 -13.04
CA LYS A 570 -19.57 -11.90 -14.30
C LYS A 570 -18.23 -12.62 -14.24
N ARG A 571 -17.79 -13.11 -15.40
CA ARG A 571 -16.50 -13.79 -15.55
C ARG A 571 -15.79 -13.13 -16.72
N ARG A 572 -14.98 -12.11 -16.43
CA ARG A 572 -14.51 -11.21 -17.47
C ARG A 572 -13.07 -11.48 -17.95
N ALA A 573 -12.36 -12.41 -17.33
CA ALA A 573 -11.01 -12.76 -17.76
C ALA A 573 -10.93 -14.27 -17.99
N THR A 574 -10.34 -14.67 -19.11
CA THR A 574 -10.05 -16.08 -19.29
C THR A 574 -8.64 -16.39 -18.80
N ILE A 575 -8.40 -17.67 -18.52
CA ILE A 575 -7.06 -18.14 -18.22
C ILE A 575 -6.10 -17.79 -19.36
N GLU A 576 -6.59 -17.79 -20.61
CA GLU A 576 -5.71 -17.51 -21.74
C GLU A 576 -5.25 -16.06 -21.73
N GLN A 577 -6.15 -15.14 -21.38
CA GLN A 577 -5.78 -13.73 -21.22
C GLN A 577 -4.78 -13.54 -20.08
N LEU A 578 -5.03 -14.16 -18.93
CA LEU A 578 -4.09 -14.01 -17.80
C LEU A 578 -2.68 -14.46 -18.18
N LEU A 579 -2.57 -15.48 -19.02
CA LEU A 579 -1.30 -16.09 -19.42
C LEU A 579 -0.67 -15.44 -20.65
N THR A 580 -1.17 -14.30 -21.12
CA THR A 580 -0.62 -13.67 -22.32
C THR A 580 0.66 -12.92 -21.95
N ILE A 581 1.80 -13.42 -22.41
CA ILE A 581 3.11 -12.94 -21.95
C ILE A 581 3.45 -11.64 -22.69
N PRO A 582 3.86 -10.57 -21.97
CA PRO A 582 4.10 -9.29 -22.65
C PRO A 582 5.34 -9.21 -23.53
N LEU A 583 5.51 -10.16 -24.45
CA LEU A 583 6.65 -10.14 -25.36
C LEU A 583 6.57 -8.99 -26.34
N ALA A 584 7.71 -8.37 -26.62
CA ALA A 584 7.75 -7.37 -27.67
C ALA A 584 7.84 -8.03 -29.03
N LYS A 585 7.18 -7.42 -30.02
CA LYS A 585 7.37 -7.83 -31.41
C LYS A 585 8.74 -7.40 -31.88
N GLU A 586 9.28 -8.15 -32.84
CA GLU A 586 10.61 -7.84 -33.31
C GLU A 586 10.63 -6.49 -34.01
N LEU A 587 11.81 -5.86 -34.01
CA LEU A 587 12.03 -4.55 -34.63
C LEU A 587 11.17 -3.45 -34.00
N ALA A 588 10.62 -3.71 -32.81
CA ALA A 588 9.65 -2.80 -32.21
C ALA A 588 10.23 -1.44 -31.88
N TRP A 589 11.56 -1.31 -31.78
CA TRP A 589 12.16 -0.10 -31.22
C TRP A 589 13.32 0.39 -32.08
N ALA A 590 13.36 1.71 -32.29
CA ALA A 590 14.54 2.36 -32.82
C ALA A 590 15.66 2.37 -31.77
N PRO A 591 16.91 2.55 -32.21
CA PRO A 591 18.01 2.68 -31.25
C PRO A 591 17.79 3.73 -30.18
N ASP A 592 17.20 4.88 -30.53
CA ASP A 592 17.03 5.94 -29.54
C ASP A 592 15.95 5.60 -28.52
N GLU A 593 14.95 4.80 -28.90
CA GLU A 593 13.99 4.33 -27.92
C GLU A 593 14.62 3.34 -26.95
N ILE A 594 15.43 2.41 -27.45
CA ILE A 594 16.17 1.50 -26.57
C ILE A 594 17.04 2.30 -25.60
N ARG A 595 17.77 3.28 -26.13
CA ARG A 595 18.64 4.11 -25.29
C ARG A 595 17.84 4.81 -24.20
N GLU A 596 16.67 5.36 -24.54
CA GLU A 596 15.88 6.06 -23.54
C GLU A 596 15.39 5.12 -22.45
N GLU A 597 14.91 3.94 -22.84
CA GLU A 597 14.46 2.97 -21.84
C GLU A 597 15.59 2.56 -20.92
N VAL A 598 16.80 2.38 -21.47
CA VAL A 598 17.93 1.96 -20.63
C VAL A 598 18.32 3.06 -19.66
N ASP A 599 18.54 4.27 -20.18
CA ASP A 599 18.86 5.41 -19.32
C ASP A 599 17.77 5.62 -18.28
N ASN A 600 16.52 5.49 -18.69
CA ASN A 600 15.42 5.72 -17.76
C ASN A 600 15.43 4.70 -16.64
N ASN A 601 15.61 3.42 -16.97
CA ASN A 601 15.60 2.38 -15.95
C ASN A 601 16.85 2.46 -15.07
N CYS A 602 18.01 2.79 -15.66
CA CYS A 602 19.21 2.92 -14.84
C CYS A 602 19.09 4.09 -13.87
N GLN A 603 18.49 5.20 -14.30
CA GLN A 603 18.31 6.34 -13.41
C GLN A 603 17.38 6.01 -12.26
N SER A 604 16.28 5.32 -12.56
CA SER A 604 15.34 4.94 -11.52
C SER A 604 15.98 3.97 -10.53
N ILE A 605 16.75 2.99 -11.02
CA ILE A 605 17.43 2.04 -10.13
C ILE A 605 18.45 2.79 -9.27
N LEU A 606 19.33 3.57 -9.91
CA LEU A 606 20.38 4.28 -9.16
C LEU A 606 19.78 5.24 -8.15
N GLY A 607 18.71 5.95 -8.53
CA GLY A 607 18.12 6.90 -7.61
C GLY A 607 17.50 6.24 -6.40
N TYR A 608 16.84 5.09 -6.60
CA TYR A 608 16.26 4.38 -5.47
C TYR A 608 17.35 3.70 -4.63
N VAL A 609 18.26 2.96 -5.28
CA VAL A 609 19.23 2.13 -4.57
C VAL A 609 20.17 3.00 -3.72
N VAL A 610 20.54 4.18 -4.22
CA VAL A 610 21.54 4.97 -3.50
C VAL A 610 21.00 5.42 -2.15
N ARG A 611 19.71 5.74 -2.06
CA ARG A 611 19.16 6.06 -0.75
C ARG A 611 18.86 4.82 0.06
N TRP A 612 18.62 3.69 -0.60
CA TRP A 612 18.41 2.43 0.09
C TRP A 612 19.69 1.98 0.79
N VAL A 613 20.80 1.91 0.04
CA VAL A 613 22.04 1.32 0.53
C VAL A 613 22.77 2.29 1.47
N ASP A 614 22.81 3.57 1.12
CA ASP A 614 23.56 4.58 1.86
C ASP A 614 22.82 5.12 3.07
N GLN A 615 21.50 5.33 2.97
CA GLN A 615 20.77 5.95 4.05
C GLN A 615 19.69 5.07 4.67
N GLY A 616 19.43 3.90 4.13
CA GLY A 616 18.37 3.06 4.69
C GLY A 616 16.98 3.59 4.51
N VAL A 617 16.71 4.28 3.40
CA VAL A 617 15.38 4.80 3.06
C VAL A 617 14.77 3.88 2.01
N GLY A 618 13.59 3.34 2.29
CA GLY A 618 12.98 2.37 1.40
C GLY A 618 11.91 2.91 0.48
N ALA A 619 11.55 4.18 0.61
CA ALA A 619 10.60 4.80 -0.31
C ALA A 619 11.05 6.25 -0.46
N SER A 620 11.30 6.67 -1.69
CA SER A 620 11.92 7.96 -1.94
C SER A 620 11.26 8.62 -3.15
N LYS A 621 11.08 9.94 -3.05
CA LYS A 621 10.74 10.75 -4.21
C LYS A 621 11.94 10.83 -5.16
N VAL A 622 11.89 10.10 -6.28
CA VAL A 622 12.96 10.10 -7.27
C VAL A 622 12.48 10.58 -8.63
N PRO A 623 12.97 11.72 -9.13
CA PRO A 623 12.58 12.17 -10.47
C PRO A 623 13.10 11.24 -11.55
N ASP A 624 12.31 11.08 -12.60
CA ASP A 624 12.68 10.19 -13.69
C ASP A 624 13.32 10.98 -14.84
N ILE A 625 13.44 10.33 -16.00
CA ILE A 625 14.13 10.92 -17.17
C ILE A 625 13.31 12.04 -17.81
N HIS A 626 12.02 12.14 -17.51
CA HIS A 626 11.20 13.28 -17.89
C HIS A 626 10.90 14.19 -16.70
N ASP A 627 11.73 14.09 -15.65
CA ASP A 627 11.67 14.92 -14.45
C ASP A 627 10.35 14.77 -13.67
N VAL A 628 9.59 13.70 -13.92
CA VAL A 628 8.42 13.38 -13.10
C VAL A 628 8.88 12.79 -11.77
N ALA A 629 8.39 13.35 -10.67
CA ALA A 629 8.73 12.89 -9.32
C ALA A 629 7.92 11.63 -9.00
N LEU A 630 8.60 10.50 -8.87
CA LEU A 630 7.96 9.23 -8.58
C LEU A 630 8.28 8.83 -7.16
N MET A 631 7.27 8.40 -6.40
CA MET A 631 7.48 7.78 -5.10
C MET A 631 7.74 6.29 -5.32
N GLU A 632 9.03 5.94 -5.42
CA GLU A 632 9.46 4.59 -5.75
C GLU A 632 9.58 3.72 -4.49
N ASP A 633 9.15 2.46 -4.60
CA ASP A 633 9.40 1.40 -3.60
C ASP A 633 10.18 0.26 -4.26
N ARG A 634 10.37 -0.81 -3.49
CA ARG A 634 11.13 -1.96 -3.95
C ARG A 634 10.51 -2.64 -5.17
N ALA A 635 9.17 -2.67 -5.26
CA ALA A 635 8.52 -3.32 -6.40
C ALA A 635 8.85 -2.64 -7.71
N THR A 636 8.93 -1.30 -7.74
CA THR A 636 9.31 -0.67 -9.00
C THR A 636 10.76 -0.99 -9.34
N LEU A 637 11.59 -1.16 -8.31
CA LEU A 637 12.96 -1.60 -8.54
C LEU A 637 12.99 -3.01 -9.13
N ARG A 638 12.11 -3.90 -8.66
CA ARG A 638 12.04 -5.24 -9.25
CA ARG A 638 12.04 -5.24 -9.24
C ARG A 638 11.70 -5.17 -10.73
N ILE A 639 10.77 -4.31 -11.12
CA ILE A 639 10.42 -4.15 -12.53
C ILE A 639 11.64 -3.67 -13.32
N SER A 640 12.23 -2.55 -12.88
CA SER A 640 13.27 -1.92 -13.69
C SER A 640 14.46 -2.84 -13.85
N SER A 641 14.90 -3.49 -12.77
CA SER A 641 16.06 -4.37 -12.86
C SER A 641 15.75 -5.60 -13.69
N GLN A 642 14.54 -6.17 -13.55
CA GLN A 642 14.20 -7.36 -14.33
C GLN A 642 14.09 -7.03 -15.82
N LEU A 643 13.50 -5.88 -16.16
CA LEU A 643 13.40 -5.51 -17.57
CA LEU A 643 13.40 -5.51 -17.57
C LEU A 643 14.78 -5.41 -18.21
N LEU A 644 15.68 -4.64 -17.61
CA LEU A 644 17.04 -4.52 -18.14
C LEU A 644 17.72 -5.89 -18.20
N ALA A 645 17.57 -6.71 -17.15
CA ALA A 645 18.13 -8.07 -17.20
C ALA A 645 17.53 -8.87 -18.35
N ASN A 646 16.23 -8.70 -18.60
CA ASN A 646 15.60 -9.39 -19.73
C ASN A 646 16.16 -8.88 -21.07
N TRP A 647 16.32 -7.55 -21.20
CA TRP A 647 16.87 -7.00 -22.43
C TRP A 647 18.32 -7.44 -22.65
N LEU A 648 19.12 -7.46 -21.57
CA LEU A 648 20.47 -7.99 -21.70
C LEU A 648 20.45 -9.47 -22.04
N ARG A 649 19.50 -10.23 -21.48
CA ARG A 649 19.46 -11.67 -21.69
C ARG A 649 19.21 -12.03 -23.14
N HIS A 650 18.39 -11.25 -23.84
CA HIS A 650 18.03 -11.57 -25.22
C HIS A 650 18.70 -10.67 -26.24
N GLY A 651 19.73 -9.94 -25.85
CA GLY A 651 20.55 -9.26 -26.83
C GLY A 651 20.01 -7.92 -27.33
N VAL A 652 18.98 -7.37 -26.69
CA VAL A 652 18.53 -6.03 -27.01
C VAL A 652 19.61 -5.02 -26.70
N ILE A 653 20.36 -5.26 -25.62
CA ILE A 653 21.42 -4.35 -25.21
C ILE A 653 22.64 -5.18 -24.87
N THR A 654 23.80 -4.53 -24.89
CA THR A 654 25.05 -5.17 -24.55
C THR A 654 25.48 -4.78 -23.14
N SER A 655 26.42 -5.55 -22.59
CA SER A 655 26.97 -5.22 -21.27
C SER A 655 27.64 -3.86 -21.27
N ALA A 656 28.19 -3.43 -22.41
CA ALA A 656 28.77 -2.09 -22.48
C ALA A 656 27.69 -1.03 -22.35
N ASP A 657 26.53 -1.24 -23.00
CA ASP A 657 25.43 -0.28 -22.91
C ASP A 657 24.99 -0.08 -21.46
N VAL A 658 24.82 -1.18 -20.73
CA VAL A 658 24.38 -1.10 -19.33
C VAL A 658 25.38 -0.30 -18.50
N ARG A 659 26.65 -0.73 -18.52
CA ARG A 659 27.66 -0.02 -17.74
C ARG A 659 27.74 1.45 -18.14
N ALA A 660 27.70 1.74 -19.44
CA ALA A 660 27.74 3.12 -19.90
C ALA A 660 26.57 3.91 -19.34
N SER A 661 25.36 3.33 -19.43
CA SER A 661 24.19 4.04 -18.93
C SER A 661 24.29 4.31 -17.44
N LEU A 662 24.67 3.29 -16.68
CA LEU A 662 24.84 3.45 -15.23
C LEU A 662 25.81 4.59 -14.91
N GLU A 663 26.97 4.59 -15.58
CA GLU A 663 27.97 5.64 -15.32
C GLU A 663 27.46 7.00 -15.75
N ARG A 664 26.65 7.03 -16.81
CA ARG A 664 26.14 8.30 -17.32
C ARG A 664 25.06 8.85 -16.41
N MET A 665 24.22 7.99 -15.85
CA MET A 665 23.11 8.45 -15.02
C MET A 665 23.50 8.68 -13.57
N ALA A 666 24.59 8.05 -13.10
CA ALA A 666 24.98 8.19 -11.69
C ALA A 666 25.28 9.62 -11.27
N PRO A 667 26.03 10.44 -12.02
CA PRO A 667 26.24 11.83 -11.58
C PRO A 667 24.99 12.67 -11.65
N LEU A 668 24.04 12.33 -12.51
CA LEU A 668 22.75 13.02 -12.48
C LEU A 668 22.03 12.73 -11.17
N VAL A 669 22.11 11.49 -10.69
CA VAL A 669 21.56 11.16 -9.37
C VAL A 669 22.37 11.85 -8.28
N ASP A 670 23.71 11.81 -8.37
CA ASP A 670 24.55 12.53 -7.43
C ASP A 670 24.09 13.99 -7.31
N ARG A 671 23.75 14.60 -8.44
CA ARG A 671 23.34 16.00 -8.44
C ARG A 671 21.90 16.17 -7.97
N GLN A 672 21.01 15.26 -8.34
CA GLN A 672 19.62 15.35 -7.91
C GLN A 672 19.46 15.27 -6.40
N ASN A 673 20.50 14.85 -5.68
CA ASN A 673 20.50 14.77 -4.23
C ASN A 673 21.28 15.90 -3.58
N ALA A 674 22.50 16.18 -4.06
CA ALA A 674 23.41 17.18 -3.49
C ALA A 674 23.77 16.85 -2.04
N ASP A 676 20.21 14.68 1.30
CA ASP A 676 20.87 15.86 0.76
C ASP A 676 22.20 16.13 1.45
N VAL A 677 22.14 16.67 2.67
CA VAL A 677 23.36 16.93 3.41
C VAL A 677 24.06 15.63 3.81
N ALA A 678 23.28 14.55 3.96
CA ALA A 678 23.84 13.25 4.28
C ALA A 678 24.30 12.50 3.04
N TYR A 679 24.07 13.04 1.86
CA TYR A 679 24.32 12.32 0.61
C TYR A 679 25.81 12.32 0.26
N ARG A 680 26.28 11.19 -0.28
CA ARG A 680 27.65 11.03 -0.76
C ARG A 680 27.66 10.56 -2.22
N PRO A 681 28.54 11.13 -3.03
CA PRO A 681 28.47 10.88 -4.48
C PRO A 681 28.91 9.48 -4.87
N MET A 682 28.30 8.99 -5.94
CA MET A 682 28.70 7.72 -6.55
C MET A 682 29.82 7.92 -7.56
N ALA A 683 29.72 8.99 -8.38
CA ALA A 683 30.76 9.37 -9.33
C ALA A 683 31.92 10.05 -8.60
N PRO A 684 33.16 9.87 -9.08
CA PRO A 684 33.52 9.08 -10.25
C PRO A 684 34.08 7.71 -9.92
N ASN A 685 34.17 7.39 -8.63
CA ASN A 685 34.83 6.16 -8.18
C ASN A 685 33.81 5.01 -8.08
N PHE A 686 33.23 4.68 -9.23
CA PHE A 686 32.12 3.73 -9.27
C PHE A 686 32.48 2.40 -8.62
N ASP A 687 33.70 1.91 -8.83
CA ASP A 687 34.06 0.63 -8.24
C ASP A 687 34.23 0.73 -6.72
N ASP A 688 34.21 1.94 -6.15
CA ASP A 688 34.31 2.14 -4.72
C ASP A 688 32.96 2.37 -4.05
N SER A 689 31.88 2.50 -4.82
CA SER A 689 30.58 2.82 -4.29
C SER A 689 29.76 1.54 -4.12
N ILE A 690 29.43 1.21 -2.87
CA ILE A 690 28.61 0.04 -2.61
C ILE A 690 27.23 0.19 -3.28
N ALA A 691 26.68 1.40 -3.25
CA ALA A 691 25.35 1.63 -3.84
C ALA A 691 25.38 1.48 -5.35
N PHE A 692 26.40 2.04 -6.02
CA PHE A 692 26.56 1.83 -7.47
C PHE A 692 26.70 0.35 -7.80
N LEU A 693 27.55 -0.34 -7.05
CA LEU A 693 27.80 -1.76 -7.30
C LEU A 693 26.56 -2.61 -7.03
N ALA A 694 25.75 -2.22 -6.04
CA ALA A 694 24.46 -2.85 -5.83
C ALA A 694 23.55 -2.66 -7.04
N ALA A 695 23.48 -1.44 -7.55
CA ALA A 695 22.67 -1.14 -8.72
C ALA A 695 23.12 -2.00 -9.89
N GLN A 696 24.42 -2.03 -10.16
CA GLN A 696 24.96 -2.88 -11.21
C GLN A 696 24.58 -4.34 -11.00
N GLU A 697 24.68 -4.81 -9.75
CA GLU A 697 24.42 -6.23 -9.48
C GLU A 697 22.95 -6.58 -9.63
N LEU A 698 22.06 -5.69 -9.22
CA LEU A 698 20.64 -5.92 -9.47
C LEU A 698 20.35 -6.17 -10.96
N ILE A 699 21.09 -5.49 -11.86
CA ILE A 699 20.86 -5.72 -13.30
C ILE A 699 21.58 -6.98 -13.77
N LEU A 700 22.91 -7.02 -13.62
CA LEU A 700 23.71 -8.09 -14.21
C LEU A 700 23.47 -9.44 -13.56
N SER A 701 22.94 -9.47 -12.34
CA SER A 701 22.55 -10.72 -11.68
C SER A 701 21.04 -10.88 -11.61
N GLY A 702 20.28 -9.99 -12.23
CA GLY A 702 18.83 -10.00 -12.04
C GLY A 702 18.20 -11.33 -12.40
N ALA A 703 18.64 -11.92 -13.52
CA ALA A 703 18.00 -13.15 -13.98
C ALA A 703 18.26 -14.32 -13.02
N GLN A 704 19.27 -14.23 -12.18
CA GLN A 704 19.60 -15.29 -11.23
C GLN A 704 18.96 -15.07 -9.87
N GLN A 705 18.24 -13.97 -9.67
CA GLN A 705 17.60 -13.77 -8.38
C GLN A 705 16.29 -14.54 -8.32
N PRO A 706 15.93 -15.09 -7.15
CA PRO A 706 14.73 -15.92 -7.07
C PRO A 706 13.50 -15.07 -7.36
N ASN A 707 12.77 -15.44 -8.42
CA ASN A 707 11.58 -14.73 -8.88
C ASN A 707 11.88 -13.24 -9.11
N GLY A 708 13.13 -12.92 -9.42
CA GLY A 708 13.54 -11.54 -9.60
C GLY A 708 13.52 -10.67 -8.36
N TYR A 709 13.50 -11.25 -7.16
CA TYR A 709 13.40 -10.44 -5.95
C TYR A 709 14.70 -9.65 -5.72
N THR A 710 14.56 -8.42 -5.25
CA THR A 710 15.68 -7.52 -5.05
C THR A 710 16.24 -7.55 -3.63
N GLU A 711 15.48 -8.08 -2.66
CA GLU A 711 15.93 -8.04 -1.27
C GLU A 711 17.24 -8.77 -1.02
N PRO A 712 17.51 -9.96 -1.60
CA PRO A 712 18.82 -10.59 -1.36
C PRO A 712 19.99 -9.65 -1.61
N ILE A 713 19.98 -8.93 -2.74
CA ILE A 713 21.09 -8.03 -3.05
C ILE A 713 21.02 -6.79 -2.17
N LEU A 714 19.83 -6.19 -2.04
CA LEU A 714 19.71 -4.94 -1.31
C LEU A 714 20.13 -5.12 0.12
N HIS A 715 19.64 -6.19 0.76
CA HIS A 715 20.00 -6.47 2.14
C HIS A 715 21.50 -6.66 2.29
N ARG A 716 22.07 -7.56 1.49
CA ARG A 716 23.52 -7.79 1.54
C ARG A 716 24.31 -6.49 1.42
N ARG A 717 23.94 -5.65 0.44
CA ARG A 717 24.68 -4.42 0.18
C ARG A 717 24.44 -3.35 1.25
N ARG A 718 23.23 -3.27 1.80
CA ARG A 718 22.99 -2.32 2.89
C ARG A 718 23.75 -2.75 4.15
N ARG A 719 23.78 -4.05 4.42
CA ARG A 719 24.59 -4.55 5.53
C ARG A 719 26.07 -4.29 5.31
N GLU A 720 26.53 -4.48 4.06
CA GLU A 720 27.91 -4.13 3.71
C GLU A 720 28.20 -2.66 3.99
N PHE A 721 27.31 -1.77 3.56
CA PHE A 721 27.51 -0.34 3.81
C PHE A 721 27.55 -0.05 5.32
N LYS A 722 26.63 -0.65 6.07
CA LYS A 722 26.67 -0.49 7.51
C LYS A 722 28.02 -0.92 8.08
N ALA A 723 28.52 -2.08 7.64
CA ALA A 723 29.76 -2.60 8.22
C ALA A 723 30.97 -1.72 7.88
N ARG A 724 30.98 -1.10 6.70
CA ARG A 724 32.09 -0.21 6.38
CA ARG A 724 32.08 -0.20 6.35
C ARG A 724 31.98 1.12 7.11
N ALA A 725 30.75 1.62 7.30
CA ALA A 725 30.57 2.88 8.00
C ALA A 725 30.96 2.78 9.47
N ALA A 726 30.88 1.57 10.03
CA ALA A 726 31.20 1.40 11.45
C ALA A 726 32.70 1.45 11.71
N GLU A 727 33.50 0.87 10.83
CA GLU A 727 34.96 0.86 11.02
C GLU A 727 35.61 2.13 10.50
MG MG B . 4.12 -5.43 -3.70
C10 C0V C . 4.33 1.34 -3.80
C13 C0V C . 4.90 4.63 -2.11
C15 C0V C . 4.70 4.32 0.29
C17 C0V C . 4.40 2.43 -1.19
C02 C0V C . 2.77 -3.60 -5.43
C04 C0V C . 2.90 -2.92 -4.11
C06 C0V C . 3.35 -1.48 -4.15
C07 C0V C . 3.77 -0.92 -2.80
C09 C0V C . 4.07 0.52 -2.65
C11 C0V C . 4.59 2.68 -3.62
C12 C0V C . 4.63 3.25 -2.32
C14 C0V C . 4.93 5.14 -0.84
C16 C0V C . 4.43 2.98 0.13
C18 C0V C . 4.12 1.05 -1.38
O01 C0V C . 3.55 -4.53 -5.70
O03 C0V C . 2.33 -2.87 -6.49
O05 C0V C . 3.16 -3.69 -3.16
O08 C0V C . 4.00 -1.68 -1.88
C1 PEG D . 4.79 -11.57 -30.36
O1 PEG D . 5.98 -10.94 -29.96
C2 PEG D . 3.89 -11.79 -29.15
O2 PEG D . 3.74 -10.58 -28.48
C3 PEG D . 2.58 -9.85 -28.83
C4 PEG D . 2.57 -8.50 -28.10
O4 PEG D . 2.83 -8.69 -26.72
C1 PEG E . -13.62 -16.89 -6.70
O1 PEG E . -14.39 -17.00 -5.52
C2 PEG E . -14.54 -17.13 -7.91
O2 PEG E . -13.83 -17.43 -9.08
C3 PEG E . -12.74 -16.60 -9.37
C4 PEG E . -11.71 -17.33 -10.23
O4 PEG E . -12.35 -18.19 -11.13
C1 PEG F . 25.23 -18.37 16.44
O1 PEG F . 24.34 -19.38 16.84
C2 PEG F . 25.05 -17.15 17.35
O2 PEG F . 26.26 -16.84 17.97
C3 PEG F . 26.14 -16.30 19.27
C4 PEG F . 25.32 -17.25 20.13
O4 PEG F . 25.24 -16.73 21.44
MG MG G . -24.87 8.16 -5.11
#